data_241D
# 
_entry.id   241D 
# 
_audit_conform.dict_name       mmcif_pdbx.dic 
_audit_conform.dict_version    5.387 
_audit_conform.dict_location   http://mmcif.pdb.org/dictionaries/ascii/mmcif_pdbx.dic 
# 
loop_
_database_2.database_id 
_database_2.database_code 
_database_2.pdbx_database_accession 
_database_2.pdbx_DOI 
PDB   241D         pdb_0000241d 10.2210/pdb241d/pdb 
RCSB  UDF043       ?            ?                   
WWPDB D_1000177633 ?            ?                   
# 
loop_
_pdbx_audit_revision_history.ordinal 
_pdbx_audit_revision_history.data_content_type 
_pdbx_audit_revision_history.major_revision 
_pdbx_audit_revision_history.minor_revision 
_pdbx_audit_revision_history.revision_date 
1 'Structure model' 1 0 1996-04-03 
2 'Structure model' 1 1 2008-05-22 
3 'Structure model' 1 2 2011-07-13 
4 'Structure model' 1 3 2024-02-14 
# 
_pdbx_audit_revision_details.ordinal             1 
_pdbx_audit_revision_details.revision_ordinal    1 
_pdbx_audit_revision_details.data_content_type   'Structure model' 
_pdbx_audit_revision_details.provider            repository 
_pdbx_audit_revision_details.type                'Initial release' 
_pdbx_audit_revision_details.description         ? 
_pdbx_audit_revision_details.details             ? 
# 
loop_
_pdbx_audit_revision_group.ordinal 
_pdbx_audit_revision_group.revision_ordinal 
_pdbx_audit_revision_group.data_content_type 
_pdbx_audit_revision_group.group 
1 2 'Structure model' 'Version format compliance' 
2 3 'Structure model' 'Version format compliance' 
3 4 'Structure model' 'Data collection'           
4 4 'Structure model' 'Database references'       
# 
loop_
_pdbx_audit_revision_category.ordinal 
_pdbx_audit_revision_category.revision_ordinal 
_pdbx_audit_revision_category.data_content_type 
_pdbx_audit_revision_category.category 
1 4 'Structure model' chem_comp_atom 
2 4 'Structure model' chem_comp_bond 
3 4 'Structure model' database_2     
# 
loop_
_pdbx_audit_revision_item.ordinal 
_pdbx_audit_revision_item.revision_ordinal 
_pdbx_audit_revision_item.data_content_type 
_pdbx_audit_revision_item.item 
1 4 'Structure model' '_database_2.pdbx_DOI'                
2 4 'Structure model' '_database_2.pdbx_database_accession' 
# 
_pdbx_database_status.status_code                     REL 
_pdbx_database_status.entry_id                        241D 
_pdbx_database_status.recvd_initial_deposition_date   1995-12-07 
_pdbx_database_status.deposit_site                    BNL 
_pdbx_database_status.process_site                    NDB 
_pdbx_database_status.SG_entry                        . 
_pdbx_database_status.pdb_format_compatible           Y 
_pdbx_database_status.status_code_mr                  ? 
_pdbx_database_status.status_code_sf                  ? 
_pdbx_database_status.status_code_cs                  ? 
_pdbx_database_status.status_code_nmr_data            ? 
_pdbx_database_status.methods_development_category    ? 
# 
loop_
_audit_author.name 
_audit_author.pdbx_ordinal 
'Berger, I.'  1 
'Kang, C.'    2 
'Fredian, A.' 3 
'Ratliff, R.' 4 
'Moyzis, R.'  5 
'Rich, A.'    6 
# 
_citation.id                        primary 
_citation.title                     
'Extension of the four-stranded intercalated cytosine motif by adenine.adenine base pairing in the crystal structure of d(CCCAAT).' 
_citation.journal_abbrev            Nat.Struct.Biol. 
_citation.journal_volume            2 
_citation.page_first                416 
_citation.page_last                 425 
_citation.year                      1995 
_citation.journal_id_ASTM           NSBIEW 
_citation.country                   US 
_citation.journal_id_ISSN           1072-8368 
_citation.journal_id_CSD            2024 
_citation.book_publisher            ? 
_citation.pdbx_database_id_PubMed   7664099 
_citation.pdbx_database_id_DOI      10.1038/nsb0595-416 
# 
loop_
_citation_author.citation_id 
_citation_author.name 
_citation_author.ordinal 
_citation_author.identifier_ORCID 
primary 'Berger, I.'  1 ? 
primary 'Kang, C.'    2 ? 
primary 'Fredian, A.' 3 ? 
primary 'Ratliff, R.' 4 ? 
primary 'Moyzis, R.'  5 ? 
primary 'Rich, A.'    6 ? 
# 
loop_
_entity.id 
_entity.type 
_entity.src_method 
_entity.pdbx_description 
_entity.formula_weight 
_entity.pdbx_number_of_molecules 
_entity.pdbx_ec 
_entity.pdbx_mutation 
_entity.pdbx_fragment 
_entity.details 
1 polymer syn 
;DNA (5'-D(*CP*CP*CP*AP*AP*T)-3')
;
1753.194 2  ? ? ? ? 
2 water   nat water                              18.015   57 ? ? ? ? 
# 
_entity_poly.entity_id                      1 
_entity_poly.type                           polydeoxyribonucleotide 
_entity_poly.nstd_linkage                   no 
_entity_poly.nstd_monomer                   no 
_entity_poly.pdbx_seq_one_letter_code       '(DC)(DC)(DC)(DA)(DA)(DT)' 
_entity_poly.pdbx_seq_one_letter_code_can   CCCAAT 
_entity_poly.pdbx_strand_id                 A,B 
_entity_poly.pdbx_target_identifier         ? 
# 
_pdbx_entity_nonpoly.entity_id   2 
_pdbx_entity_nonpoly.name        water 
_pdbx_entity_nonpoly.comp_id     HOH 
# 
loop_
_entity_poly_seq.entity_id 
_entity_poly_seq.num 
_entity_poly_seq.mon_id 
_entity_poly_seq.hetero 
1 1 DC n 
1 2 DC n 
1 3 DC n 
1 4 DA n 
1 5 DA n 
1 6 DT n 
# 
loop_
_chem_comp.id 
_chem_comp.type 
_chem_comp.mon_nstd_flag 
_chem_comp.name 
_chem_comp.pdbx_synonyms 
_chem_comp.formula 
_chem_comp.formula_weight 
DA  'DNA linking' y "2'-DEOXYADENOSINE-5'-MONOPHOSPHATE" ? 'C10 H14 N5 O6 P' 331.222 
DC  'DNA linking' y "2'-DEOXYCYTIDINE-5'-MONOPHOSPHATE"  ? 'C9 H14 N3 O7 P'  307.197 
DT  'DNA linking' y "THYMIDINE-5'-MONOPHOSPHATE"         ? 'C10 H15 N2 O8 P' 322.208 
HOH non-polymer   . WATER                                ? 'H2 O'            18.015  
# 
loop_
_pdbx_poly_seq_scheme.asym_id 
_pdbx_poly_seq_scheme.entity_id 
_pdbx_poly_seq_scheme.seq_id 
_pdbx_poly_seq_scheme.mon_id 
_pdbx_poly_seq_scheme.ndb_seq_num 
_pdbx_poly_seq_scheme.pdb_seq_num 
_pdbx_poly_seq_scheme.auth_seq_num 
_pdbx_poly_seq_scheme.pdb_mon_id 
_pdbx_poly_seq_scheme.auth_mon_id 
_pdbx_poly_seq_scheme.pdb_strand_id 
_pdbx_poly_seq_scheme.pdb_ins_code 
_pdbx_poly_seq_scheme.hetero 
A 1 1 DC 1 1  1  DC C A . n 
A 1 2 DC 2 2  2  DC C A . n 
A 1 3 DC 3 3  3  DC C A . n 
A 1 4 DA 4 4  4  DA A A . n 
A 1 5 DA 5 5  5  DA A A . n 
A 1 6 DT 6 6  6  DT T A . n 
B 1 1 DC 1 11 11 DC C B . n 
B 1 2 DC 2 12 12 DC C B . n 
B 1 3 DC 3 13 13 DC C B . n 
B 1 4 DA 4 14 14 DA A B . n 
B 1 5 DA 5 15 15 DA A B . n 
B 1 6 DT 6 16 16 DT T B . n 
# 
loop_
_pdbx_nonpoly_scheme.asym_id 
_pdbx_nonpoly_scheme.entity_id 
_pdbx_nonpoly_scheme.mon_id 
_pdbx_nonpoly_scheme.ndb_seq_num 
_pdbx_nonpoly_scheme.pdb_seq_num 
_pdbx_nonpoly_scheme.auth_seq_num 
_pdbx_nonpoly_scheme.pdb_mon_id 
_pdbx_nonpoly_scheme.auth_mon_id 
_pdbx_nonpoly_scheme.pdb_strand_id 
_pdbx_nonpoly_scheme.pdb_ins_code 
C 2 HOH 1  18 18 HOH HOH A . 
C 2 HOH 2  20 20 HOH HOH A . 
C 2 HOH 3  22 22 HOH HOH A . 
C 2 HOH 4  26 26 HOH HOH A . 
C 2 HOH 5  27 27 HOH HOH A . 
C 2 HOH 6  29 29 HOH HOH A . 
C 2 HOH 7  32 32 HOH HOH A . 
C 2 HOH 8  35 35 HOH HOH A . 
C 2 HOH 9  36 36 HOH HOH A . 
C 2 HOH 10 40 40 HOH HOH A . 
C 2 HOH 11 42 42 HOH HOH A . 
C 2 HOH 12 43 43 HOH HOH A . 
C 2 HOH 13 44 44 HOH HOH A . 
C 2 HOH 14 45 45 HOH HOH A . 
C 2 HOH 15 46 46 HOH HOH A . 
C 2 HOH 16 47 47 HOH HOH A . 
C 2 HOH 17 48 48 HOH HOH A . 
C 2 HOH 18 49 49 HOH HOH A . 
C 2 HOH 19 50 50 HOH HOH A . 
C 2 HOH 20 51 51 HOH HOH A . 
C 2 HOH 21 52 52 HOH HOH A . 
C 2 HOH 22 54 54 HOH HOH A . 
C 2 HOH 23 55 55 HOH HOH A . 
C 2 HOH 24 59 59 HOH HOH A . 
C 2 HOH 25 60 60 HOH HOH A . 
C 2 HOH 26 62 62 HOH HOH A . 
C 2 HOH 27 66 66 HOH HOH A . 
C 2 HOH 28 67 67 HOH HOH A . 
C 2 HOH 29 68 68 HOH HOH A . 
C 2 HOH 30 70 70 HOH HOH A . 
C 2 HOH 31 71 71 HOH HOH A . 
C 2 HOH 32 72 72 HOH HOH A . 
C 2 HOH 33 73 73 HOH HOH A . 
D 2 HOH 1  17 17 HOH HOH B . 
D 2 HOH 2  19 19 HOH HOH B . 
D 2 HOH 3  21 21 HOH HOH B . 
D 2 HOH 4  23 23 HOH HOH B . 
D 2 HOH 5  24 24 HOH HOH B . 
D 2 HOH 6  25 25 HOH HOH B . 
D 2 HOH 7  28 28 HOH HOH B . 
D 2 HOH 8  30 30 HOH HOH B . 
D 2 HOH 9  31 31 HOH HOH B . 
D 2 HOH 10 33 33 HOH HOH B . 
D 2 HOH 11 34 34 HOH HOH B . 
D 2 HOH 12 37 37 HOH HOH B . 
D 2 HOH 13 38 38 HOH HOH B . 
D 2 HOH 14 39 39 HOH HOH B . 
D 2 HOH 15 41 41 HOH HOH B . 
D 2 HOH 16 53 53 HOH HOH B . 
D 2 HOH 17 56 56 HOH HOH B . 
D 2 HOH 18 57 57 HOH HOH B . 
D 2 HOH 19 58 58 HOH HOH B . 
D 2 HOH 20 61 61 HOH HOH B . 
D 2 HOH 21 63 63 HOH HOH B . 
D 2 HOH 22 64 64 HOH HOH B . 
D 2 HOH 23 65 65 HOH HOH B . 
D 2 HOH 24 69 69 HOH HOH B . 
# 
_software.name             X-PLOR 
_software.classification   refinement 
_software.version          . 
_software.citation_id      ? 
_software.pdbx_ordinal     1 
# 
_cell.entry_id           241D 
_cell.length_a           32.180 
_cell.length_b           32.180 
_cell.length_c           52.490 
_cell.angle_alpha        90.00 
_cell.angle_beta         90.00 
_cell.angle_gamma        120.00 
_cell.Z_PDB              12 
_cell.pdbx_unique_axis   ? 
# 
_symmetry.entry_id                         241D 
_symmetry.space_group_name_H-M             'P 62' 
_symmetry.pdbx_full_space_group_name_H-M   ? 
_symmetry.cell_setting                     ? 
_symmetry.Int_Tables_number                171 
# 
_exptl.entry_id          241D 
_exptl.method            'X-RAY DIFFRACTION' 
_exptl.crystals_number   ? 
# 
_exptl_crystal.id                    1 
_exptl_crystal.density_meas          ? 
_exptl_crystal.density_Matthews      2.24 
_exptl_crystal.density_percent_sol   45.03 
_exptl_crystal.description           ? 
# 
_exptl_crystal_grow.crystal_id      1 
_exptl_crystal_grow.method          'VAPOR DIFFUSION, HANGING DROP' 
_exptl_crystal_grow.temp            277.00 
_exptl_crystal_grow.temp_details    ? 
_exptl_crystal_grow.pH              6.00 
_exptl_crystal_grow.pdbx_details    'pH 6.00, VAPOR DIFFUSION, HANGING DROP, temperature 277.00K' 
_exptl_crystal_grow.pdbx_pH_range   ? 
# 
loop_
_exptl_crystal_grow_comp.crystal_id 
_exptl_crystal_grow_comp.id 
_exptl_crystal_grow_comp.sol_id 
_exptl_crystal_grow_comp.name 
_exptl_crystal_grow_comp.volume 
_exptl_crystal_grow_comp.conc 
_exptl_crystal_grow_comp.details 
1 1 1 WATER           ? ? ? 
1 2 1 MPD             ? ? ? 
1 3 1 SPERMINE        ? ? ? 
1 4 1 'NA CACODYLATE' ? ? ? 
1 5 2 WATER           ? ? ? 
1 6 2 MPD             ? ? ? 
# 
_diffrn.id                     1 
_diffrn.ambient_temp           277.00 
_diffrn.ambient_temp_details   ? 
_diffrn.crystal_id             1 
# 
_diffrn_detector.diffrn_id              1 
_diffrn_detector.detector               'IMAGE PLATE' 
_diffrn_detector.type                   'RIGAKU RAXIS IIC' 
_diffrn_detector.pdbx_collection_date   ? 
_diffrn_detector.details                ? 
# 
_diffrn_radiation.diffrn_id                        1 
_diffrn_radiation.wavelength_id                    1 
_diffrn_radiation.pdbx_monochromatic_or_laue_m_l   ? 
_diffrn_radiation.monochromator                    ? 
_diffrn_radiation.pdbx_diffrn_protocol             ? 
_diffrn_radiation.pdbx_scattering_type             x-ray 
# 
_diffrn_radiation_wavelength.id           1 
_diffrn_radiation_wavelength.wavelength   . 
_diffrn_radiation_wavelength.wt           1.0 
# 
_diffrn_source.diffrn_id                   1 
_diffrn_source.source                      ? 
_diffrn_source.type                        ? 
_diffrn_source.pdbx_synchrotron_site       ? 
_diffrn_source.pdbx_synchrotron_beamline   ? 
_diffrn_source.pdbx_wavelength             ? 
_diffrn_source.pdbx_wavelength_list        ? 
# 
_refine.entry_id                                 241D 
_refine.ls_number_reflns_obs                     2285 
_refine.ls_number_reflns_all                     ? 
_refine.pdbx_ls_sigma_I                          ? 
_refine.pdbx_ls_sigma_F                          2.000 
_refine.pdbx_data_cutoff_high_absF               ? 
_refine.pdbx_data_cutoff_low_absF                ? 
_refine.pdbx_data_cutoff_high_rms_absF           ? 
_refine.ls_d_res_low                             10.000 
_refine.ls_d_res_high                            1.850 
_refine.ls_percent_reflns_obs                    ? 
_refine.ls_R_factor_obs                          0.1940000 
_refine.ls_R_factor_all                          ? 
_refine.ls_R_factor_R_work                       0.1940000 
_refine.ls_R_factor_R_free                       ? 
_refine.ls_R_factor_R_free_error                 ? 
_refine.ls_R_factor_R_free_error_details         ? 
_refine.ls_percent_reflns_R_free                 ? 
_refine.ls_number_reflns_R_free                  ? 
_refine.ls_number_parameters                     ? 
_refine.ls_number_restraints                     ? 
_refine.occupancy_min                            ? 
_refine.occupancy_max                            ? 
_refine.B_iso_mean                               ? 
_refine.aniso_B[1][1]                            ? 
_refine.aniso_B[2][2]                            ? 
_refine.aniso_B[3][3]                            ? 
_refine.aniso_B[1][2]                            ? 
_refine.aniso_B[1][3]                            ? 
_refine.aniso_B[2][3]                            ? 
_refine.solvent_model_details                    ? 
_refine.solvent_model_param_ksol                 ? 
_refine.solvent_model_param_bsol                 ? 
_refine.pdbx_ls_cross_valid_method               ? 
_refine.details                                  ? 
_refine.pdbx_starting_model                      ? 
_refine.pdbx_method_to_determine_struct          ? 
_refine.pdbx_isotropic_thermal_model             ? 
_refine.pdbx_stereochemistry_target_values       ? 
_refine.pdbx_stereochem_target_val_spec_case     ? 
_refine.pdbx_R_Free_selection_details            ? 
_refine.pdbx_overall_ESU_R                       ? 
_refine.pdbx_overall_ESU_R_Free                  ? 
_refine.overall_SU_ML                            ? 
_refine.overall_SU_B                             ? 
_refine.pdbx_refine_id                           'X-RAY DIFFRACTION' 
_refine.pdbx_diffrn_id                           1 
_refine.pdbx_TLS_residual_ADP_flag               ? 
_refine.correlation_coeff_Fo_to_Fc               ? 
_refine.correlation_coeff_Fo_to_Fc_free          ? 
_refine.pdbx_solvent_vdw_probe_radii             ? 
_refine.pdbx_solvent_ion_probe_radii             ? 
_refine.pdbx_solvent_shrinkage_radii             ? 
_refine.pdbx_overall_phase_error                 ? 
_refine.overall_SU_R_Cruickshank_DPI             ? 
_refine.pdbx_overall_SU_R_free_Cruickshank_DPI   ? 
_refine.pdbx_overall_SU_R_Blow_DPI               ? 
_refine.pdbx_overall_SU_R_free_Blow_DPI          ? 
# 
_refine_hist.pdbx_refine_id                   'X-RAY DIFFRACTION' 
_refine_hist.cycle_id                         LAST 
_refine_hist.pdbx_number_atoms_protein        0 
_refine_hist.pdbx_number_atoms_nucleic_acid   232 
_refine_hist.pdbx_number_atoms_ligand         0 
_refine_hist.number_atoms_solvent             57 
_refine_hist.number_atoms_total               289 
_refine_hist.d_res_high                       1.850 
_refine_hist.d_res_low                        10.000 
# 
loop_
_refine_ls_restr.type 
_refine_ls_restr.dev_ideal 
_refine_ls_restr.dev_ideal_target 
_refine_ls_restr.weight 
_refine_ls_restr.number 
_refine_ls_restr.pdbx_refine_id 
_refine_ls_restr.pdbx_restraint_function 
x_bond_d                0.028 ? ? ? 'X-RAY DIFFRACTION' ? 
x_bond_d_na             ?     ? ? ? 'X-RAY DIFFRACTION' ? 
x_bond_d_prot           ?     ? ? ? 'X-RAY DIFFRACTION' ? 
x_angle_d               ?     ? ? ? 'X-RAY DIFFRACTION' ? 
x_angle_d_na            ?     ? ? ? 'X-RAY DIFFRACTION' ? 
x_angle_d_prot          ?     ? ? ? 'X-RAY DIFFRACTION' ? 
x_angle_deg             3.70  ? ? ? 'X-RAY DIFFRACTION' ? 
x_angle_deg_na          ?     ? ? ? 'X-RAY DIFFRACTION' ? 
x_angle_deg_prot        ?     ? ? ? 'X-RAY DIFFRACTION' ? 
x_dihedral_angle_d      ?     ? ? ? 'X-RAY DIFFRACTION' ? 
x_dihedral_angle_d_na   ?     ? ? ? 'X-RAY DIFFRACTION' ? 
x_dihedral_angle_d_prot ?     ? ? ? 'X-RAY DIFFRACTION' ? 
x_improper_angle_d      ?     ? ? ? 'X-RAY DIFFRACTION' ? 
x_improper_angle_d_na   ?     ? ? ? 'X-RAY DIFFRACTION' ? 
x_improper_angle_d_prot ?     ? ? ? 'X-RAY DIFFRACTION' ? 
x_mcbond_it             ?     ? ? ? 'X-RAY DIFFRACTION' ? 
x_mcangle_it            ?     ? ? ? 'X-RAY DIFFRACTION' ? 
x_scbond_it             ?     ? ? ? 'X-RAY DIFFRACTION' ? 
x_scangle_it            ?     ? ? ? 'X-RAY DIFFRACTION' ? 
# 
_struct.entry_id                  241D 
_struct.title                     
'EXTENSION OF THE FOUR-STRANDED INTERCALATED CYTOSINE MOTIF BY ADENINE.ADENINE BASE PAIRING IN THE CRYSTAL STRUCTURE OF D(CCCAAT)' 
_struct.pdbx_model_details        ? 
_struct.pdbx_CASP_flag            ? 
_struct.pdbx_model_type_details   ? 
# 
_struct_keywords.entry_id        241D 
_struct_keywords.pdbx_keywords   DNA 
_struct_keywords.text            'U-DNA, QUADRUPLE HELIX, ARALLEL-STRANDED TETRAPLEX, BASE INTERCALATED, MISMATCHED, DNA' 
# 
loop_
_struct_asym.id 
_struct_asym.pdbx_blank_PDB_chainid_flag 
_struct_asym.pdbx_modified 
_struct_asym.entity_id 
_struct_asym.details 
A N N 1 ? 
B N N 1 ? 
C N N 2 ? 
D N N 2 ? 
# 
_struct_ref.id                         1 
_struct_ref.entity_id                  1 
_struct_ref.db_name                    PDB 
_struct_ref.db_code                    241D 
_struct_ref.pdbx_db_accession          241D 
_struct_ref.pdbx_db_isoform            ? 
_struct_ref.pdbx_seq_one_letter_code   ? 
_struct_ref.pdbx_align_begin           ? 
# 
loop_
_struct_ref_seq.align_id 
_struct_ref_seq.ref_id 
_struct_ref_seq.pdbx_PDB_id_code 
_struct_ref_seq.pdbx_strand_id 
_struct_ref_seq.seq_align_beg 
_struct_ref_seq.pdbx_seq_align_beg_ins_code 
_struct_ref_seq.seq_align_end 
_struct_ref_seq.pdbx_seq_align_end_ins_code 
_struct_ref_seq.pdbx_db_accession 
_struct_ref_seq.db_align_beg 
_struct_ref_seq.pdbx_db_align_beg_ins_code 
_struct_ref_seq.db_align_end 
_struct_ref_seq.pdbx_db_align_end_ins_code 
_struct_ref_seq.pdbx_auth_seq_align_beg 
_struct_ref_seq.pdbx_auth_seq_align_end 
1 1 241D A 1 ? 6 ? 241D 1  ? 6  ? 1  6  
2 1 241D B 1 ? 6 ? 241D 11 ? 16 ? 11 16 
# 
_pdbx_struct_assembly.id                   1 
_pdbx_struct_assembly.details              author_defined_assembly 
_pdbx_struct_assembly.method_details       ? 
_pdbx_struct_assembly.oligomeric_details   tetrameric 
_pdbx_struct_assembly.oligomeric_count     4 
# 
_pdbx_struct_assembly_gen.assembly_id       1 
_pdbx_struct_assembly_gen.oper_expression   1,2 
_pdbx_struct_assembly_gen.asym_id_list      A,B,C,D 
# 
loop_
_pdbx_struct_oper_list.id 
_pdbx_struct_oper_list.type 
_pdbx_struct_oper_list.name 
_pdbx_struct_oper_list.symmetry_operation 
_pdbx_struct_oper_list.matrix[1][1] 
_pdbx_struct_oper_list.matrix[1][2] 
_pdbx_struct_oper_list.matrix[1][3] 
_pdbx_struct_oper_list.vector[1] 
_pdbx_struct_oper_list.matrix[2][1] 
_pdbx_struct_oper_list.matrix[2][2] 
_pdbx_struct_oper_list.matrix[2][3] 
_pdbx_struct_oper_list.vector[2] 
_pdbx_struct_oper_list.matrix[3][1] 
_pdbx_struct_oper_list.matrix[3][2] 
_pdbx_struct_oper_list.matrix[3][3] 
_pdbx_struct_oper_list.vector[3] 
1 'identity operation'         1_555 x,y,z     1.0000000000 0.0000000000  0.0000000000  0.0000000000  0.0000000000  1.0000000000  0.0000000000 0.0000000000 0.0000000000  0.0000000000 1.0000000000  0.0000000000   
2 'crystal symmetry operation' 4_565 -x,-y+1,z 0.0118555320 -0.5887527790 -0.8082262131 -6.9836083722 -0.5887527790 -0.6574314971 0.4702701265 3.5081979733 -0.8082262131 0.4702701265 -0.3544240349 -11.2986487224 
# 
_struct_biol.id   1 
# 
loop_
_struct_conn.id 
_struct_conn.conn_type_id 
_struct_conn.pdbx_leaving_atom_flag 
_struct_conn.pdbx_PDB_id 
_struct_conn.ptnr1_label_asym_id 
_struct_conn.ptnr1_label_comp_id 
_struct_conn.ptnr1_label_seq_id 
_struct_conn.ptnr1_label_atom_id 
_struct_conn.pdbx_ptnr1_label_alt_id 
_struct_conn.pdbx_ptnr1_PDB_ins_code 
_struct_conn.pdbx_ptnr1_standard_comp_id 
_struct_conn.ptnr1_symmetry 
_struct_conn.ptnr2_label_asym_id 
_struct_conn.ptnr2_label_comp_id 
_struct_conn.ptnr2_label_seq_id 
_struct_conn.ptnr2_label_atom_id 
_struct_conn.pdbx_ptnr2_label_alt_id 
_struct_conn.pdbx_ptnr2_PDB_ins_code 
_struct_conn.ptnr1_auth_asym_id 
_struct_conn.ptnr1_auth_comp_id 
_struct_conn.ptnr1_auth_seq_id 
_struct_conn.ptnr2_auth_asym_id 
_struct_conn.ptnr2_auth_comp_id 
_struct_conn.ptnr2_auth_seq_id 
_struct_conn.ptnr2_symmetry 
_struct_conn.pdbx_ptnr3_label_atom_id 
_struct_conn.pdbx_ptnr3_label_seq_id 
_struct_conn.pdbx_ptnr3_label_comp_id 
_struct_conn.pdbx_ptnr3_label_asym_id 
_struct_conn.pdbx_ptnr3_label_alt_id 
_struct_conn.pdbx_ptnr3_PDB_ins_code 
_struct_conn.details 
_struct_conn.pdbx_dist_value 
_struct_conn.pdbx_value_order 
_struct_conn.pdbx_role 
hydrog1  hydrog ? ? A DC 1 N4 ? ? ? 1_555 B DC 1 O2 ? ? A DC 1 B DC 11 1_555 ? ? ? ? ? ? TYPE_15_PAIR ? ? ? 
hydrog2  hydrog ? ? A DC 1 O2 ? ? ? 1_555 B DC 1 N4 ? ? A DC 1 B DC 11 1_555 ? ? ? ? ? ? TYPE_15_PAIR ? ? ? 
hydrog3  hydrog ? ? A DC 2 N4 ? ? ? 1_555 B DC 2 O2 ? ? A DC 2 B DC 12 1_555 ? ? ? ? ? ? TYPE_15_PAIR ? ? ? 
hydrog4  hydrog ? ? A DC 2 O2 ? ? ? 1_555 B DC 2 N4 ? ? A DC 2 B DC 12 1_555 ? ? ? ? ? ? TYPE_15_PAIR ? ? ? 
hydrog5  hydrog ? ? A DC 3 N4 ? ? ? 1_555 B DC 3 O2 ? ? A DC 3 B DC 13 1_555 ? ? ? ? ? ? TYPE_15_PAIR ? ? ? 
hydrog6  hydrog ? ? A DC 3 O2 ? ? ? 1_555 B DC 3 N4 ? ? A DC 3 B DC 13 1_555 ? ? ? ? ? ? TYPE_15_PAIR ? ? ? 
hydrog7  hydrog ? ? A DA 4 N1 ? ? ? 1_555 B DA 4 N6 ? ? A DA 4 B DA 14 1_555 ? ? ? ? ? ? TYPE_5_PAIR  ? ? ? 
hydrog8  hydrog ? ? A DA 4 N6 ? ? ? 1_555 B DA 4 N7 ? ? A DA 4 B DA 14 1_555 ? ? ? ? ? ? TYPE_5_PAIR  ? ? ? 
hydrog9  hydrog ? ? A DA 5 N1 ? ? ? 1_555 B DA 5 N6 ? ? A DA 5 B DA 15 1_555 ? ? ? ? ? ? TYPE_1_PAIR  ? ? ? 
hydrog10 hydrog ? ? A DA 5 N6 ? ? ? 1_555 B DA 5 N1 ? ? A DA 5 B DA 15 1_555 ? ? ? ? ? ? TYPE_1_PAIR  ? ? ? 
# 
_struct_conn_type.id          hydrog 
_struct_conn_type.criteria    ? 
_struct_conn_type.reference   ? 
# 
loop_
_pdbx_validate_rmsd_bond.id 
_pdbx_validate_rmsd_bond.PDB_model_num 
_pdbx_validate_rmsd_bond.auth_atom_id_1 
_pdbx_validate_rmsd_bond.auth_asym_id_1 
_pdbx_validate_rmsd_bond.auth_comp_id_1 
_pdbx_validate_rmsd_bond.auth_seq_id_1 
_pdbx_validate_rmsd_bond.PDB_ins_code_1 
_pdbx_validate_rmsd_bond.label_alt_id_1 
_pdbx_validate_rmsd_bond.auth_atom_id_2 
_pdbx_validate_rmsd_bond.auth_asym_id_2 
_pdbx_validate_rmsd_bond.auth_comp_id_2 
_pdbx_validate_rmsd_bond.auth_seq_id_2 
_pdbx_validate_rmsd_bond.PDB_ins_code_2 
_pdbx_validate_rmsd_bond.label_alt_id_2 
_pdbx_validate_rmsd_bond.bond_value 
_pdbx_validate_rmsd_bond.bond_target_value 
_pdbx_validate_rmsd_bond.bond_deviation 
_pdbx_validate_rmsd_bond.bond_standard_deviation 
_pdbx_validate_rmsd_bond.linker_flag 
1  1 "C4'" A DC 1  ? ? "C3'" A DC 1  ? ? 1.439 1.521 -0.082 0.010 N 
2  1 "C2'" A DC 1  ? ? "C1'" A DC 1  ? ? 1.590 1.519 0.071  0.010 N 
3  1 "O4'" A DC 1  ? ? "C4'" A DC 1  ? ? 1.368 1.446 -0.078 0.010 N 
4  1 "O3'" A DC 1  ? ? "C3'" A DC 1  ? ? 1.372 1.419 -0.047 0.006 N 
5  1 "C5'" A DC 2  ? ? "C4'" A DC 2  ? ? 1.575 1.512 0.063  0.007 N 
6  1 "C4'" A DC 2  ? ? "C3'" A DC 2  ? ? 1.454 1.521 -0.067 0.010 N 
7  1 "C2'" A DC 2  ? ? "C1'" A DC 2  ? ? 1.615 1.519 0.096  0.010 N 
8  1 "C5'" A DC 3  ? ? "C4'" A DC 3  ? ? 1.590 1.512 0.078  0.007 N 
9  1 N3    A DC 3  ? ? C4    A DC 3  ? ? 1.269 1.335 -0.066 0.007 N 
10 1 C4    A DA 4  ? ? C5    A DA 4  ? ? 1.326 1.383 -0.057 0.007 N 
11 1 C6    A DA 4  ? ? N1    A DA 4  ? ? 1.302 1.351 -0.049 0.007 N 
12 1 N9    A DA 4  ? ? C4    A DA 4  ? ? 1.316 1.374 -0.058 0.006 N 
13 1 "C5'" A DA 5  ? ? "C4'" A DA 5  ? ? 1.593 1.512 0.081  0.007 N 
14 1 "C4'" A DA 5  ? ? "C3'" A DA 5  ? ? 1.595 1.529 0.066  0.010 N 
15 1 "C2'" A DT 6  ? ? "C1'" A DT 6  ? ? 1.606 1.519 0.087  0.010 N 
16 1 N1    A DT 6  ? ? C2    A DT 6  ? ? 1.326 1.376 -0.050 0.008 N 
17 1 C4    A DT 6  ? ? C5    A DT 6  ? ? 1.390 1.445 -0.055 0.009 N 
18 1 C6    A DT 6  ? ? N1    A DT 6  ? ? 1.335 1.378 -0.043 0.007 N 
19 1 C5    A DT 6  ? ? C7    A DT 6  ? ? 1.562 1.496 0.066  0.006 N 
20 1 "C5'" B DC 11 ? ? "C4'" B DC 11 ? ? 1.613 1.512 0.101  0.007 N 
21 1 "C2'" B DC 11 ? ? "C1'" B DC 11 ? ? 1.580 1.519 0.061  0.010 N 
22 1 N3    B DC 11 ? ? C4    B DC 11 ? ? 1.284 1.335 -0.051 0.007 N 
23 1 C2    B DC 12 ? ? N3    B DC 12 ? ? 1.409 1.353 0.056  0.008 N 
24 1 N1    B DC 13 ? ? C6    B DC 13 ? ? 1.325 1.367 -0.042 0.006 N 
25 1 C2    B DC 13 ? ? N3    B DC 13 ? ? 1.303 1.353 -0.050 0.008 N 
26 1 "C4'" B DA 14 ? ? "C3'" B DA 14 ? ? 1.437 1.521 -0.084 0.010 N 
27 1 C6    B DA 14 ? ? N6    B DA 14 ? ? 1.286 1.335 -0.049 0.008 N 
28 1 "C5'" B DA 15 ? ? "C4'" B DA 15 ? ? 1.581 1.512 0.069  0.007 N 
29 1 C6    B DA 15 ? ? N1    B DA 15 ? ? 1.304 1.351 -0.047 0.007 N 
30 1 C5    B DA 15 ? ? N7    B DA 15 ? ? 1.436 1.388 0.048  0.006 N 
31 1 P     B DT 16 ? ? "O5'" B DT 16 ? ? 1.661 1.593 0.068  0.010 N 
32 1 C5    B DT 16 ? ? C7    B DT 16 ? ? 1.541 1.496 0.045  0.006 N 
# 
loop_
_pdbx_validate_rmsd_angle.id 
_pdbx_validate_rmsd_angle.PDB_model_num 
_pdbx_validate_rmsd_angle.auth_atom_id_1 
_pdbx_validate_rmsd_angle.auth_asym_id_1 
_pdbx_validate_rmsd_angle.auth_comp_id_1 
_pdbx_validate_rmsd_angle.auth_seq_id_1 
_pdbx_validate_rmsd_angle.PDB_ins_code_1 
_pdbx_validate_rmsd_angle.label_alt_id_1 
_pdbx_validate_rmsd_angle.auth_atom_id_2 
_pdbx_validate_rmsd_angle.auth_asym_id_2 
_pdbx_validate_rmsd_angle.auth_comp_id_2 
_pdbx_validate_rmsd_angle.auth_seq_id_2 
_pdbx_validate_rmsd_angle.PDB_ins_code_2 
_pdbx_validate_rmsd_angle.label_alt_id_2 
_pdbx_validate_rmsd_angle.auth_atom_id_3 
_pdbx_validate_rmsd_angle.auth_asym_id_3 
_pdbx_validate_rmsd_angle.auth_comp_id_3 
_pdbx_validate_rmsd_angle.auth_seq_id_3 
_pdbx_validate_rmsd_angle.PDB_ins_code_3 
_pdbx_validate_rmsd_angle.label_alt_id_3 
_pdbx_validate_rmsd_angle.angle_value 
_pdbx_validate_rmsd_angle.angle_target_value 
_pdbx_validate_rmsd_angle.angle_deviation 
_pdbx_validate_rmsd_angle.angle_standard_deviation 
_pdbx_validate_rmsd_angle.linker_flag 
1  1 "O4'" A DC 1  ? ? "C4'" A DC 1  ? ? "C3'" A DC 1  ? ? 102.08 104.50 -2.42  0.40 N 
2  1 "C3'" A DC 1  ? ? "C2'" A DC 1  ? ? "C1'" A DC 1  ? ? 97.37  102.40 -5.03  0.80 N 
3  1 "O4'" A DC 1  ? ? "C1'" A DC 1  ? ? N1    A DC 1  ? ? 101.39 108.00 -6.61  0.70 N 
4  1 C5    A DC 1  ? ? C6    A DC 1  ? ? N1    A DC 1  ? ? 124.63 121.00 3.63   0.50 N 
5  1 N1    A DC 2  ? ? C2    A DC 2  ? ? O2    A DC 2  ? ? 124.78 118.90 5.88   0.60 N 
6  1 N3    A DC 2  ? ? C2    A DC 2  ? ? O2    A DC 2  ? ? 115.09 121.90 -6.81  0.70 N 
7  1 N1    A DC 3  ? ? C2    A DC 3  ? ? O2    A DC 3  ? ? 125.21 118.90 6.31   0.60 N 
8  1 N3    A DC 3  ? ? C2    A DC 3  ? ? O2    A DC 3  ? ? 114.09 121.90 -7.81  0.70 N 
9  1 N3    A DC 3  ? ? C4    A DC 3  ? ? N4    A DC 3  ? ? 111.53 118.00 -6.47  0.70 N 
10 1 C5    A DC 3  ? ? C4    A DC 3  ? ? N4    A DC 3  ? ? 124.90 120.20 4.70   0.70 N 
11 1 "O4'" A DA 5  ? ? "C1'" A DA 5  ? ? "C2'" A DA 5  ? ? 110.46 106.80 3.66   0.50 N 
12 1 "O4'" A DA 5  ? ? "C1'" A DA 5  ? ? N9    A DA 5  ? ? 112.05 108.30 3.75   0.30 N 
13 1 C2    A DA 5  ? ? N3    A DA 5  ? ? C4    A DA 5  ? ? 106.07 110.60 -4.53  0.50 N 
14 1 "C3'" A DA 5  ? ? "O3'" A DA 5  ? ? P     A DT 6  ? ? 131.28 119.70 11.58  1.20 Y 
15 1 P     A DT 6  ? ? "O5'" A DT 6  ? ? "C5'" A DT 6  ? ? 109.49 120.90 -11.41 1.60 N 
16 1 C6    A DT 6  ? ? C5    A DT 6  ? ? C7    A DT 6  ? ? 118.51 122.90 -4.39  0.60 N 
17 1 "O4'" B DC 11 ? ? "C1'" B DC 11 ? ? N1    B DC 11 ? ? 112.22 108.30 3.92   0.30 N 
18 1 N1    B DC 11 ? ? C2    B DC 11 ? ? O2    B DC 11 ? ? 123.31 118.90 4.41   0.60 N 
19 1 N3    B DC 11 ? ? C2    B DC 11 ? ? O2    B DC 11 ? ? 117.27 121.90 -4.63  0.70 N 
20 1 "O5'" B DC 13 ? ? "C5'" B DC 13 ? ? "C4'" B DC 13 ? ? 100.58 109.40 -8.82  0.80 N 
21 1 "C1'" B DC 13 ? ? "O4'" B DC 13 ? ? "C4'" B DC 13 ? ? 102.94 110.10 -7.16  1.00 N 
22 1 C6    B DC 13 ? ? N1    B DC 13 ? ? C2    B DC 13 ? ? 125.27 120.30 4.97   0.40 N 
23 1 C2    B DC 13 ? ? N3    B DC 13 ? ? C4    B DC 13 ? ? 115.00 119.90 -4.90  0.50 N 
24 1 N3    B DC 13 ? ? C4    B DC 13 ? ? C5    B DC 13 ? ? 127.81 121.90 5.91   0.40 N 
25 1 C5    B DC 13 ? ? C6    B DC 13 ? ? N1    B DC 13 ? ? 117.37 121.00 -3.63  0.50 N 
26 1 C5    B DC 13 ? ? C4    B DC 13 ? ? N4    B DC 13 ? ? 114.97 120.20 -5.23  0.70 N 
27 1 N9    B DA 14 ? ? "C1'" B DA 14 ? ? "C2'" B DA 14 ? ? 125.66 114.30 11.36  1.40 N 
28 1 "O4'" B DA 14 ? ? "C1'" B DA 14 ? ? N9    B DA 14 ? ? 96.10  108.00 -11.90 0.70 N 
29 1 C5    B DA 14 ? ? C6    B DA 14 ? ? N1    B DA 14 ? ? 121.67 117.70 3.97   0.50 N 
30 1 N1    B DA 15 ? ? C6    B DA 15 ? ? N6    B DA 15 ? ? 113.94 118.60 -4.66  0.60 N 
31 1 "O4'" B DT 16 ? ? "C1'" B DT 16 ? ? N1    B DT 16 ? ? 99.09  108.00 -8.91  0.70 N 
32 1 C6    B DT 16 ? ? C5    B DT 16 ? ? C7    B DT 16 ? ? 118.77 122.90 -4.13  0.60 N 
# 
loop_
_pdbx_struct_special_symmetry.id 
_pdbx_struct_special_symmetry.PDB_model_num 
_pdbx_struct_special_symmetry.auth_asym_id 
_pdbx_struct_special_symmetry.auth_comp_id 
_pdbx_struct_special_symmetry.auth_seq_id 
_pdbx_struct_special_symmetry.PDB_ins_code 
_pdbx_struct_special_symmetry.label_asym_id 
_pdbx_struct_special_symmetry.label_comp_id 
_pdbx_struct_special_symmetry.label_seq_id 
1 1 B HOH 23 ? D HOH . 
2 1 B HOH 63 ? D HOH . 
# 
loop_
_refine_B_iso.class 
_refine_B_iso.details 
_refine_B_iso.treatment 
_refine_B_iso.pdbx_refine_id 
'ALL ATOMS'  TR isotropic 'X-RAY DIFFRACTION' 
'ALL WATERS' TR isotropic 'X-RAY DIFFRACTION' 
# 
loop_
_refine_occupancy.class 
_refine_occupancy.treatment 
_refine_occupancy.pdbx_refine_id 
'ALL ATOMS'  fix 'X-RAY DIFFRACTION' 
'ALL WATERS' fix 'X-RAY DIFFRACTION' 
# 
loop_
_chem_comp_atom.comp_id 
_chem_comp_atom.atom_id 
_chem_comp_atom.type_symbol 
_chem_comp_atom.pdbx_aromatic_flag 
_chem_comp_atom.pdbx_stereo_config 
_chem_comp_atom.pdbx_ordinal 
DA  OP3    O N N 1   
DA  P      P N N 2   
DA  OP1    O N N 3   
DA  OP2    O N N 4   
DA  "O5'"  O N N 5   
DA  "C5'"  C N N 6   
DA  "C4'"  C N R 7   
DA  "O4'"  O N N 8   
DA  "C3'"  C N S 9   
DA  "O3'"  O N N 10  
DA  "C2'"  C N N 11  
DA  "C1'"  C N R 12  
DA  N9     N Y N 13  
DA  C8     C Y N 14  
DA  N7     N Y N 15  
DA  C5     C Y N 16  
DA  C6     C Y N 17  
DA  N6     N N N 18  
DA  N1     N Y N 19  
DA  C2     C Y N 20  
DA  N3     N Y N 21  
DA  C4     C Y N 22  
DA  HOP3   H N N 23  
DA  HOP2   H N N 24  
DA  "H5'"  H N N 25  
DA  "H5''" H N N 26  
DA  "H4'"  H N N 27  
DA  "H3'"  H N N 28  
DA  "HO3'" H N N 29  
DA  "H2'"  H N N 30  
DA  "H2''" H N N 31  
DA  "H1'"  H N N 32  
DA  H8     H N N 33  
DA  H61    H N N 34  
DA  H62    H N N 35  
DA  H2     H N N 36  
DC  OP3    O N N 37  
DC  P      P N N 38  
DC  OP1    O N N 39  
DC  OP2    O N N 40  
DC  "O5'"  O N N 41  
DC  "C5'"  C N N 42  
DC  "C4'"  C N R 43  
DC  "O4'"  O N N 44  
DC  "C3'"  C N S 45  
DC  "O3'"  O N N 46  
DC  "C2'"  C N N 47  
DC  "C1'"  C N R 48  
DC  N1     N N N 49  
DC  C2     C N N 50  
DC  O2     O N N 51  
DC  N3     N N N 52  
DC  C4     C N N 53  
DC  N4     N N N 54  
DC  C5     C N N 55  
DC  C6     C N N 56  
DC  HOP3   H N N 57  
DC  HOP2   H N N 58  
DC  "H5'"  H N N 59  
DC  "H5''" H N N 60  
DC  "H4'"  H N N 61  
DC  "H3'"  H N N 62  
DC  "HO3'" H N N 63  
DC  "H2'"  H N N 64  
DC  "H2''" H N N 65  
DC  "H1'"  H N N 66  
DC  H41    H N N 67  
DC  H42    H N N 68  
DC  H5     H N N 69  
DC  H6     H N N 70  
DT  OP3    O N N 71  
DT  P      P N N 72  
DT  OP1    O N N 73  
DT  OP2    O N N 74  
DT  "O5'"  O N N 75  
DT  "C5'"  C N N 76  
DT  "C4'"  C N R 77  
DT  "O4'"  O N N 78  
DT  "C3'"  C N S 79  
DT  "O3'"  O N N 80  
DT  "C2'"  C N N 81  
DT  "C1'"  C N R 82  
DT  N1     N N N 83  
DT  C2     C N N 84  
DT  O2     O N N 85  
DT  N3     N N N 86  
DT  C4     C N N 87  
DT  O4     O N N 88  
DT  C5     C N N 89  
DT  C7     C N N 90  
DT  C6     C N N 91  
DT  HOP3   H N N 92  
DT  HOP2   H N N 93  
DT  "H5'"  H N N 94  
DT  "H5''" H N N 95  
DT  "H4'"  H N N 96  
DT  "H3'"  H N N 97  
DT  "HO3'" H N N 98  
DT  "H2'"  H N N 99  
DT  "H2''" H N N 100 
DT  "H1'"  H N N 101 
DT  H3     H N N 102 
DT  H71    H N N 103 
DT  H72    H N N 104 
DT  H73    H N N 105 
DT  H6     H N N 106 
HOH O      O N N 107 
HOH H1     H N N 108 
HOH H2     H N N 109 
# 
loop_
_chem_comp_bond.comp_id 
_chem_comp_bond.atom_id_1 
_chem_comp_bond.atom_id_2 
_chem_comp_bond.value_order 
_chem_comp_bond.pdbx_aromatic_flag 
_chem_comp_bond.pdbx_stereo_config 
_chem_comp_bond.pdbx_ordinal 
DA  OP3   P      sing N N 1   
DA  OP3   HOP3   sing N N 2   
DA  P     OP1    doub N N 3   
DA  P     OP2    sing N N 4   
DA  P     "O5'"  sing N N 5   
DA  OP2   HOP2   sing N N 6   
DA  "O5'" "C5'"  sing N N 7   
DA  "C5'" "C4'"  sing N N 8   
DA  "C5'" "H5'"  sing N N 9   
DA  "C5'" "H5''" sing N N 10  
DA  "C4'" "O4'"  sing N N 11  
DA  "C4'" "C3'"  sing N N 12  
DA  "C4'" "H4'"  sing N N 13  
DA  "O4'" "C1'"  sing N N 14  
DA  "C3'" "O3'"  sing N N 15  
DA  "C3'" "C2'"  sing N N 16  
DA  "C3'" "H3'"  sing N N 17  
DA  "O3'" "HO3'" sing N N 18  
DA  "C2'" "C1'"  sing N N 19  
DA  "C2'" "H2'"  sing N N 20  
DA  "C2'" "H2''" sing N N 21  
DA  "C1'" N9     sing N N 22  
DA  "C1'" "H1'"  sing N N 23  
DA  N9    C8     sing Y N 24  
DA  N9    C4     sing Y N 25  
DA  C8    N7     doub Y N 26  
DA  C8    H8     sing N N 27  
DA  N7    C5     sing Y N 28  
DA  C5    C6     sing Y N 29  
DA  C5    C4     doub Y N 30  
DA  C6    N6     sing N N 31  
DA  C6    N1     doub Y N 32  
DA  N6    H61    sing N N 33  
DA  N6    H62    sing N N 34  
DA  N1    C2     sing Y N 35  
DA  C2    N3     doub Y N 36  
DA  C2    H2     sing N N 37  
DA  N3    C4     sing Y N 38  
DC  OP3   P      sing N N 39  
DC  OP3   HOP3   sing N N 40  
DC  P     OP1    doub N N 41  
DC  P     OP2    sing N N 42  
DC  P     "O5'"  sing N N 43  
DC  OP2   HOP2   sing N N 44  
DC  "O5'" "C5'"  sing N N 45  
DC  "C5'" "C4'"  sing N N 46  
DC  "C5'" "H5'"  sing N N 47  
DC  "C5'" "H5''" sing N N 48  
DC  "C4'" "O4'"  sing N N 49  
DC  "C4'" "C3'"  sing N N 50  
DC  "C4'" "H4'"  sing N N 51  
DC  "O4'" "C1'"  sing N N 52  
DC  "C3'" "O3'"  sing N N 53  
DC  "C3'" "C2'"  sing N N 54  
DC  "C3'" "H3'"  sing N N 55  
DC  "O3'" "HO3'" sing N N 56  
DC  "C2'" "C1'"  sing N N 57  
DC  "C2'" "H2'"  sing N N 58  
DC  "C2'" "H2''" sing N N 59  
DC  "C1'" N1     sing N N 60  
DC  "C1'" "H1'"  sing N N 61  
DC  N1    C2     sing N N 62  
DC  N1    C6     sing N N 63  
DC  C2    O2     doub N N 64  
DC  C2    N3     sing N N 65  
DC  N3    C4     doub N N 66  
DC  C4    N4     sing N N 67  
DC  C4    C5     sing N N 68  
DC  N4    H41    sing N N 69  
DC  N4    H42    sing N N 70  
DC  C5    C6     doub N N 71  
DC  C5    H5     sing N N 72  
DC  C6    H6     sing N N 73  
DT  OP3   P      sing N N 74  
DT  OP3   HOP3   sing N N 75  
DT  P     OP1    doub N N 76  
DT  P     OP2    sing N N 77  
DT  P     "O5'"  sing N N 78  
DT  OP2   HOP2   sing N N 79  
DT  "O5'" "C5'"  sing N N 80  
DT  "C5'" "C4'"  sing N N 81  
DT  "C5'" "H5'"  sing N N 82  
DT  "C5'" "H5''" sing N N 83  
DT  "C4'" "O4'"  sing N N 84  
DT  "C4'" "C3'"  sing N N 85  
DT  "C4'" "H4'"  sing N N 86  
DT  "O4'" "C1'"  sing N N 87  
DT  "C3'" "O3'"  sing N N 88  
DT  "C3'" "C2'"  sing N N 89  
DT  "C3'" "H3'"  sing N N 90  
DT  "O3'" "HO3'" sing N N 91  
DT  "C2'" "C1'"  sing N N 92  
DT  "C2'" "H2'"  sing N N 93  
DT  "C2'" "H2''" sing N N 94  
DT  "C1'" N1     sing N N 95  
DT  "C1'" "H1'"  sing N N 96  
DT  N1    C2     sing N N 97  
DT  N1    C6     sing N N 98  
DT  C2    O2     doub N N 99  
DT  C2    N3     sing N N 100 
DT  N3    C4     sing N N 101 
DT  N3    H3     sing N N 102 
DT  C4    O4     doub N N 103 
DT  C4    C5     sing N N 104 
DT  C5    C7     sing N N 105 
DT  C5    C6     doub N N 106 
DT  C7    H71    sing N N 107 
DT  C7    H72    sing N N 108 
DT  C7    H73    sing N N 109 
DT  C6    H6     sing N N 110 
HOH O     H1     sing N N 111 
HOH O     H2     sing N N 112 
# 
loop_
_ndb_struct_conf_na.entry_id 
_ndb_struct_conf_na.feature 
241D 'double helix'         
241D 'parallel strands'     
241D 'mismatched base pair' 
# 
loop_
_ndb_struct_na_base_pair.model_number 
_ndb_struct_na_base_pair.i_label_asym_id 
_ndb_struct_na_base_pair.i_label_comp_id 
_ndb_struct_na_base_pair.i_label_seq_id 
_ndb_struct_na_base_pair.i_symmetry 
_ndb_struct_na_base_pair.j_label_asym_id 
_ndb_struct_na_base_pair.j_label_comp_id 
_ndb_struct_na_base_pair.j_label_seq_id 
_ndb_struct_na_base_pair.j_symmetry 
_ndb_struct_na_base_pair.shear 
_ndb_struct_na_base_pair.stretch 
_ndb_struct_na_base_pair.stagger 
_ndb_struct_na_base_pair.buckle 
_ndb_struct_na_base_pair.propeller 
_ndb_struct_na_base_pair.opening 
_ndb_struct_na_base_pair.pair_number 
_ndb_struct_na_base_pair.pair_name 
_ndb_struct_na_base_pair.i_auth_asym_id 
_ndb_struct_na_base_pair.i_auth_seq_id 
_ndb_struct_na_base_pair.i_PDB_ins_code 
_ndb_struct_na_base_pair.j_auth_asym_id 
_ndb_struct_na_base_pair.j_auth_seq_id 
_ndb_struct_na_base_pair.j_PDB_ins_code 
_ndb_struct_na_base_pair.hbond_type_28 
_ndb_struct_na_base_pair.hbond_type_12 
1 A DC 1 1_555 B DC 1 1_555 2.101  1.455  -0.182 -10.599 0.809  178.730  1 A_DC1:DC11_B A 1 ? B 11 ? 15 2 
1 A DC 2 1_555 B DC 2 1_555 2.064  1.555  0.094  -3.408  2.826  179.004  2 A_DC2:DC12_B A 2 ? B 12 ? 15 2 
1 A DC 3 1_555 B DC 3 1_555 -2.136 -1.616 0.134  -1.263  2.191  -176.255 3 A_DC3:DC13_B A 3 ? B 13 ? 15 2 
1 A DA 4 1_555 B DA 4 1_555 3.972  1.170  0.481  -10.919 17.011 -108.275 4 A_DA4:DA14_B A 4 ? B 14 ? 5  4 
1 A DA 5 1_555 B DA 5 1_555 1.427  0.587  0.200  -4.173  -6.432 -178.072 5 A_DA5:DA15_B A 5 ? B 15 ? 1  2 
# 
loop_
_ndb_struct_na_base_pair_step.model_number 
_ndb_struct_na_base_pair_step.i_label_asym_id_1 
_ndb_struct_na_base_pair_step.i_label_comp_id_1 
_ndb_struct_na_base_pair_step.i_label_seq_id_1 
_ndb_struct_na_base_pair_step.i_symmetry_1 
_ndb_struct_na_base_pair_step.j_label_asym_id_1 
_ndb_struct_na_base_pair_step.j_label_comp_id_1 
_ndb_struct_na_base_pair_step.j_label_seq_id_1 
_ndb_struct_na_base_pair_step.j_symmetry_1 
_ndb_struct_na_base_pair_step.i_label_asym_id_2 
_ndb_struct_na_base_pair_step.i_label_comp_id_2 
_ndb_struct_na_base_pair_step.i_label_seq_id_2 
_ndb_struct_na_base_pair_step.i_symmetry_2 
_ndb_struct_na_base_pair_step.j_label_asym_id_2 
_ndb_struct_na_base_pair_step.j_label_comp_id_2 
_ndb_struct_na_base_pair_step.j_label_seq_id_2 
_ndb_struct_na_base_pair_step.j_symmetry_2 
_ndb_struct_na_base_pair_step.shift 
_ndb_struct_na_base_pair_step.slide 
_ndb_struct_na_base_pair_step.rise 
_ndb_struct_na_base_pair_step.tilt 
_ndb_struct_na_base_pair_step.roll 
_ndb_struct_na_base_pair_step.twist 
_ndb_struct_na_base_pair_step.x_displacement 
_ndb_struct_na_base_pair_step.y_displacement 
_ndb_struct_na_base_pair_step.helical_rise 
_ndb_struct_na_base_pair_step.inclination 
_ndb_struct_na_base_pair_step.tip 
_ndb_struct_na_base_pair_step.helical_twist 
_ndb_struct_na_base_pair_step.step_number 
_ndb_struct_na_base_pair_step.step_name 
_ndb_struct_na_base_pair_step.i_auth_asym_id_1 
_ndb_struct_na_base_pair_step.i_auth_seq_id_1 
_ndb_struct_na_base_pair_step.i_PDB_ins_code_1 
_ndb_struct_na_base_pair_step.j_auth_asym_id_1 
_ndb_struct_na_base_pair_step.j_auth_seq_id_1 
_ndb_struct_na_base_pair_step.j_PDB_ins_code_1 
_ndb_struct_na_base_pair_step.i_auth_asym_id_2 
_ndb_struct_na_base_pair_step.i_auth_seq_id_2 
_ndb_struct_na_base_pair_step.i_PDB_ins_code_2 
_ndb_struct_na_base_pair_step.j_auth_asym_id_2 
_ndb_struct_na_base_pair_step.j_auth_seq_id_2 
_ndb_struct_na_base_pair_step.j_PDB_ins_code_2 
1 A DC 1 1_555 B DC 1 1_555 A DC 2 1_555 B DC 2 1_555 0.350  -0.667 6.310 -1.157 -3.736 16.861   2.320  -2.569 6.269 -12.523 3.877 
17.306   1 AA_DC1DC2:DC12DC11_BB A 1 ? B 11 ? A 2 ? B 12 ? 
1 A DC 2 1_555 B DC 2 1_555 A DC 3 1_555 B DC 3 1_555 -0.507 -0.136 6.518 2.704  -1.087 -159.889 0.075  -0.244 6.520 0.552   1.373 
-159.895 2 AA_DC2DC3:DC13DC12_BB A 2 ? B 12 ? A 3 ? B 13 ? 
1 A DC 3 1_555 B DC 3 1_555 A DA 4 1_555 B DA 4 1_555 -2.557 -1.040 6.125 2.990  -9.039 -27.068  5.909  -3.905 5.731 18.596  6.152 
-28.664  3 AA_DC3DA4:DA14DC13_BB A 3 ? B 13 ? A 4 ? B 14 ? 
1 A DA 4 1_555 B DA 4 1_555 A DA 5 1_555 B DA 5 1_555 3.002  -1.586 3.259 0.632  2.182  68.511   -1.489 -2.642 3.238 1.938   
-0.561 68.544   4 AA_DA4DA5:DA15DA14_BB A 4 ? B 14 ? A 5 ? B 15 ? 
# 
_atom_sites.entry_id                    241D 
_atom_sites.fract_transf_matrix[1][1]   -0.02445990 
_atom_sites.fract_transf_matrix[1][2]   -0.00749917 
_atom_sites.fract_transf_matrix[1][3]   -0.02515970 
_atom_sites.fract_transf_matrix[2][1]   -0.00690212 
_atom_sites.fract_transf_matrix[2][2]   0.02378412 
_atom_sites.fract_transf_matrix[2][3]   -0.02596663 
_atom_sites.fract_transf_matrix[3][1]   0.01355071 
_atom_sites.fract_transf_matrix[3][2]   -0.00788454 
_atom_sites.fract_transf_matrix[3][3]   -0.01082372 
_atom_sites.fract_transf_vector[1]      -0.214392 
_atom_sites.fract_transf_vector[2]      0.287492 
_atom_sites.fract_transf_vector[3]      0.177751 
# 
loop_
_atom_type.symbol 
C 
N 
O 
P 
# 
loop_
_atom_site.group_PDB 
_atom_site.id 
_atom_site.type_symbol 
_atom_site.label_atom_id 
_atom_site.label_alt_id 
_atom_site.label_comp_id 
_atom_site.label_asym_id 
_atom_site.label_entity_id 
_atom_site.label_seq_id 
_atom_site.pdbx_PDB_ins_code 
_atom_site.Cartn_x 
_atom_site.Cartn_y 
_atom_site.Cartn_z 
_atom_site.occupancy 
_atom_site.B_iso_or_equiv 
_atom_site.pdbx_formal_charge 
_atom_site.auth_seq_id 
_atom_site.auth_comp_id 
_atom_site.auth_asym_id 
_atom_site.auth_atom_id 
_atom_site.pdbx_PDB_model_num 
ATOM   1   O "O5'" . DC  A 1 1 ? -2.559  3.137   -15.666 1.00 21.17 ? 1  DC  A "O5'" 1 
ATOM   2   C "C5'" . DC  A 1 1 ? -2.448  4.546   -15.556 1.00 21.28 ? 1  DC  A "C5'" 1 
ATOM   3   C "C4'" . DC  A 1 1 ? -3.310  5.107   -14.415 1.00 21.08 ? 1  DC  A "C4'" 1 
ATOM   4   O "O4'" . DC  A 1 1 ? -4.577  4.598   -14.496 1.00 21.84 ? 1  DC  A "O4'" 1 
ATOM   5   C "C3'" . DC  A 1 1 ? -2.891  4.664   -13.112 1.00 23.43 ? 1  DC  A "C3'" 1 
ATOM   6   O "O3'" . DC  A 1 1 ? -1.712  5.299   -12.810 1.00 25.06 ? 1  DC  A "O3'" 1 
ATOM   7   C "C2'" . DC  A 1 1 ? -4.055  5.130   -12.194 1.00 21.57 ? 1  DC  A "C2'" 1 
ATOM   8   C "C1'" . DC  A 1 1 ? -5.236  4.913   -13.236 1.00 20.05 ? 1  DC  A "C1'" 1 
ATOM   9   N N1    . DC  A 1 1 ? -6.114  3.720   -13.056 1.00 16.40 ? 1  DC  A N1    1 
ATOM   10  C C2    . DC  A 1 1 ? -7.248  3.795   -12.323 1.00 16.32 ? 1  DC  A C2    1 
ATOM   11  O O2    . DC  A 1 1 ? -7.613  4.879   -11.873 1.00 16.33 ? 1  DC  A O2    1 
ATOM   12  N N3    . DC  A 1 1 ? -7.934  2.636   -12.139 1.00 14.99 ? 1  DC  A N3    1 
ATOM   13  C C4    . DC  A 1 1 ? -7.536  1.467   -12.656 1.00 13.20 ? 1  DC  A C4    1 
ATOM   14  N N4    . DC  A 1 1 ? -8.213  0.363   -12.475 1.00 13.04 ? 1  DC  A N4    1 
ATOM   15  C C5    . DC  A 1 1 ? -6.375  1.381   -13.422 1.00 14.53 ? 1  DC  A C5    1 
ATOM   16  C C6    . DC  A 1 1 ? -5.721  2.539   -13.581 1.00 14.71 ? 1  DC  A C6    1 
ATOM   17  P P     . DC  A 1 2 ? -0.570  4.603   -12.032 1.00 26.96 ? 2  DC  A P     1 
ATOM   18  O OP1   . DC  A 1 2 ? 0.680   5.247   -12.463 1.00 26.38 ? 2  DC  A OP1   1 
ATOM   19  O OP2   . DC  A 1 2 ? -0.735  3.136   -12.070 1.00 26.54 ? 2  DC  A OP2   1 
ATOM   20  O "O5'" . DC  A 1 2 ? -0.745  5.162   -10.532 1.00 26.61 ? 2  DC  A "O5'" 1 
ATOM   21  C "C5'" . DC  A 1 2 ? -0.572  6.577   -10.210 1.00 25.16 ? 2  DC  A "C5'" 1 
ATOM   22  C "C4'" . DC  A 1 2 ? -1.171  6.974   -8.809  1.00 23.39 ? 2  DC  A "C4'" 1 
ATOM   23  O "O4'" . DC  A 1 2 ? -2.451  6.393   -8.649  1.00 22.05 ? 2  DC  A "O4'" 1 
ATOM   24  C "C3'" . DC  A 1 2 ? -0.360  6.459   -7.717  1.00 24.66 ? 2  DC  A "C3'" 1 
ATOM   25  O "O3'" . DC  A 1 2 ? 0.678   7.420   -7.416  1.00 27.78 ? 2  DC  A "O3'" 1 
ATOM   26  C "C2'" . DC  A 1 2 ? -1.364  6.238   -6.535  1.00 22.23 ? 2  DC  A "C2'" 1 
ATOM   27  C "C1'" . DC  A 1 2 ? -2.757  6.037   -7.329  1.00 20.22 ? 2  DC  A "C1'" 1 
ATOM   28  N N1    . DC  A 1 2 ? -3.239  4.600   -7.328  1.00 17.98 ? 2  DC  A N1    1 
ATOM   29  C C2    . DC  A 1 2 ? -4.346  4.227   -6.608  1.00 16.77 ? 2  DC  A C2    1 
ATOM   30  O O2    . DC  A 1 2 ? -5.075  5.004   -5.982  1.00 19.33 ? 2  DC  A O2    1 
ATOM   31  N N3    . DC  A 1 2 ? -4.712  2.936   -6.555  1.00 15.99 ? 2  DC  A N3    1 
ATOM   32  C C4    . DC  A 1 2 ? -4.028  2.021   -7.192  1.00 16.06 ? 2  DC  A C4    1 
ATOM   33  N N4    . DC  A 1 2 ? -4.459  0.794   -7.032  1.00 15.57 ? 2  DC  A N4    1 
ATOM   34  C C5    . DC  A 1 2 ? -2.880  2.352   -7.974  1.00 15.84 ? 2  DC  A C5    1 
ATOM   35  C C6    . DC  A 1 2 ? -2.520  3.655   -8.015  1.00 17.90 ? 2  DC  A C6    1 
ATOM   36  P P     . DC  A 1 3 ? 2.066   6.819   -6.795  1.00 29.47 ? 3  DC  A P     1 
ATOM   37  O OP1   . DC  A 1 3 ? 3.159   7.768   -7.108  1.00 29.27 ? 3  DC  A OP1   1 
ATOM   38  O OP2   . DC  A 1 3 ? 2.166   5.383   -7.184  1.00 28.32 ? 3  DC  A OP2   1 
ATOM   39  O "O5'" . DC  A 1 3 ? 1.792   7.030   -5.209  1.00 28.62 ? 3  DC  A "O5'" 1 
ATOM   40  C "C5'" . DC  A 1 3 ? 1.307   8.258   -4.549  1.00 27.30 ? 3  DC  A "C5'" 1 
ATOM   41  C "C4'" . DC  A 1 3 ? 0.834   7.903   -3.074  1.00 27.73 ? 3  DC  A "C4'" 1 
ATOM   42  O "O4'" . DC  A 1 3 ? -0.119  6.789   -3.073  1.00 25.77 ? 3  DC  A "O4'" 1 
ATOM   43  C "C3'" . DC  A 1 3 ? 1.996   7.407   -2.239  1.00 27.37 ? 3  DC  A "C3'" 1 
ATOM   44  O "O3'" . DC  A 1 3 ? 2.742   8.516   -1.659  1.00 30.59 ? 3  DC  A "O3'" 1 
ATOM   45  C "C2'" . DC  A 1 3 ? 1.262   6.601   -1.156  1.00 26.30 ? 3  DC  A "C2'" 1 
ATOM   46  C "C1'" . DC  A 1 3 ? -0.004  6.092   -1.848  1.00 22.91 ? 3  DC  A "C1'" 1 
ATOM   47  N N1    . DC  A 1 3 ? 0.076   4.645   -2.098  1.00 20.32 ? 3  DC  A N1    1 
ATOM   48  C C2    . DC  A 1 3 ? -0.774  3.788   -1.481  1.00 18.42 ? 3  DC  A C2    1 
ATOM   49  O O2    . DC  A 1 3 ? -1.693  4.111   -0.775  1.00 18.88 ? 3  DC  A O2    1 
ATOM   50  N N3    . DC  A 1 3 ? -0.670  2.496   -1.663  1.00 17.30 ? 3  DC  A N3    1 
ATOM   51  C C4    . DC  A 1 3 ? 0.220   2.038   -2.444  1.00 16.67 ? 3  DC  A C4    1 
ATOM   52  N N4    . DC  A 1 3 ? 0.143   0.744   -2.547  1.00 16.43 ? 3  DC  A N4    1 
ATOM   53  C C5    . DC  A 1 3 ? 1.132   2.842   -3.134  1.00 16.83 ? 3  DC  A C5    1 
ATOM   54  C C6    . DC  A 1 3 ? 1.024   4.157   -2.927  1.00 18.07 ? 3  DC  A C6    1 
ATOM   55  P P     . DA  A 1 4 ? 4.312   8.411   -1.219  1.00 32.30 ? 4  DA  A P     1 
ATOM   56  O OP1   . DA  A 1 4 ? 4.935   9.701   -1.622  1.00 33.44 ? 4  DA  A OP1   1 
ATOM   57  O OP2   . DA  A 1 4 ? 4.994   7.179   -1.697  1.00 33.13 ? 4  DA  A OP2   1 
ATOM   58  O "O5'" . DA  A 1 4 ? 4.330   8.373   0.357   1.00 31.97 ? 4  DA  A "O5'" 1 
ATOM   59  C "C5'" . DA  A 1 4 ? 4.167   7.132   0.903   1.00 31.09 ? 4  DA  A "C5'" 1 
ATOM   60  C "C4'" . DA  A 1 4 ? 3.367   7.315   2.145   1.00 30.47 ? 4  DA  A "C4'" 1 
ATOM   61  O "O4'" . DA  A 1 4 ? 2.732   6.080   2.409   1.00 28.45 ? 4  DA  A "O4'" 1 
ATOM   62  C "C3'" . DA  A 1 4 ? 4.296   7.630   3.359   1.00 30.13 ? 4  DA  A "C3'" 1 
ATOM   63  O "O3'" . DA  A 1 4 ? 3.661   8.455   4.329   1.00 32.76 ? 4  DA  A "O3'" 1 
ATOM   64  C "C2'" . DA  A 1 4 ? 4.563   6.290   3.977   1.00 27.85 ? 4  DA  A "C2'" 1 
ATOM   65  C "C1'" . DA  A 1 4 ? 3.306   5.508   3.612   1.00 24.93 ? 4  DA  A "C1'" 1 
ATOM   66  N N9    . DA  A 1 4 ? 3.597   4.101   3.283   1.00 18.85 ? 4  DA  A N9    1 
ATOM   67  C C8    . DA  A 1 4 ? 4.536   3.654   2.461   1.00 17.16 ? 4  DA  A C8    1 
ATOM   68  N N7    . DA  A 1 4 ? 4.546   2.377   2.339   1.00 16.42 ? 4  DA  A N7    1 
ATOM   69  C C5    . DA  A 1 4 ? 3.528   1.981   3.149   1.00 13.78 ? 4  DA  A C5    1 
ATOM   70  C C6    . DA  A 1 4 ? 3.017   0.747   3.433   1.00 13.94 ? 4  DA  A C6    1 
ATOM   71  N N6    . DA  A 1 4 ? 3.475   -0.381  2.940   1.00 14.53 ? 4  DA  A N6    1 
ATOM   72  N N1    . DA  A 1 4 ? 2.004   0.679   4.248   1.00 12.65 ? 4  DA  A N1    1 
ATOM   73  C C2    . DA  A 1 4 ? 1.542   1.812   4.751   1.00 13.30 ? 4  DA  A C2    1 
ATOM   74  N N3    . DA  A 1 4 ? 1.942   3.048   4.559   1.00 14.32 ? 4  DA  A N3    1 
ATOM   75  C C4    . DA  A 1 4 ? 2.963   3.035   3.722   1.00 15.56 ? 4  DA  A C4    1 
ATOM   76  P P     . DA  A 1 5 ? 4.543   9.221   5.461   1.00 36.85 ? 5  DA  A P     1 
ATOM   77  O OP1   . DA  A 1 5 ? 4.124   10.644  5.517   1.00 36.49 ? 5  DA  A OP1   1 
ATOM   78  O OP2   . DA  A 1 5 ? 5.983   8.877   5.300   1.00 36.57 ? 5  DA  A OP2   1 
ATOM   79  O "O5'" . DA  A 1 5 ? 4.062   8.506   6.783   1.00 36.61 ? 5  DA  A "O5'" 1 
ATOM   80  C "C5'" . DA  A 1 5 ? 2.665   8.407   7.206   1.00 35.05 ? 5  DA  A "C5'" 1 
ATOM   81  C "C4'" . DA  A 1 5 ? 2.502   7.248   8.287   1.00 34.04 ? 5  DA  A "C4'" 1 
ATOM   82  O "O4'" . DA  A 1 5 ? 2.721   5.941   7.645   1.00 32.05 ? 5  DA  A "O4'" 1 
ATOM   83  C "C3'" . DA  A 1 5 ? 3.584   7.428   9.445   1.00 33.47 ? 5  DA  A "C3'" 1 
ATOM   84  O "O3'" . DA  A 1 5 ? 3.001   7.209   10.781  1.00 36.93 ? 5  DA  A "O3'" 1 
ATOM   85  C "C2'" . DA  A 1 5 ? 4.634   6.365   9.117   1.00 31.15 ? 5  DA  A "C2'" 1 
ATOM   86  C "C1'" . DA  A 1 5 ? 3.792   5.309   8.384   1.00 27.04 ? 5  DA  A "C1'" 1 
ATOM   87  N N9    . DA  A 1 5 ? 4.671   4.522   7.516   1.00 21.29 ? 5  DA  A N9    1 
ATOM   88  C C8    . DA  A 1 5 ? 5.825   4.835   6.892   1.00 18.94 ? 5  DA  A C8    1 
ATOM   89  N N7    . DA  A 1 5 ? 6.348   3.831   6.232   1.00 18.24 ? 5  DA  A N7    1 
ATOM   90  C C5    . DA  A 1 5 ? 5.436   2.775   6.465   1.00 16.73 ? 5  DA  A C5    1 
ATOM   91  C C6    . DA  A 1 5 ? 5.431   1.424   6.112   1.00 15.18 ? 5  DA  A C6    1 
ATOM   92  N N6    . DA  A 1 5 ? 6.351   0.772   5.338   1.00 15.53 ? 5  DA  A N6    1 
ATOM   93  N N1    . DA  A 1 5 ? 4.417   0.735   6.585   1.00 14.34 ? 5  DA  A N1    1 
ATOM   94  C C2    . DA  A 1 5 ? 3.489   1.319   7.331   1.00 15.29 ? 5  DA  A C2    1 
ATOM   95  N N3    . DA  A 1 5 ? 3.355   2.545   7.736   1.00 16.48 ? 5  DA  A N3    1 
ATOM   96  C C4    . DA  A 1 5 ? 4.413   3.220   7.240   1.00 18.01 ? 5  DA  A C4    1 
ATOM   97  P P     . DT  A 1 6 ? 3.639   7.372   12.272  1.00 37.54 ? 6  DT  A P     1 
ATOM   98  O OP1   . DT  A 1 6 ? 2.627   8.030   13.142  1.00 36.96 ? 6  DT  A OP1   1 
ATOM   99  O OP2   . DT  A 1 6 ? 5.035   7.924   12.205  1.00 38.11 ? 6  DT  A OP2   1 
ATOM   100 O "O5'" . DT  A 1 6 ? 3.790   5.840   12.808  1.00 36.53 ? 6  DT  A "O5'" 1 
ATOM   101 C "C5'" . DT  A 1 6 ? 2.499   5.233   12.888  1.00 34.53 ? 6  DT  A "C5'" 1 
ATOM   102 C "C4'" . DT  A 1 6 ? 2.563   3.712   12.657  1.00 33.52 ? 6  DT  A "C4'" 1 
ATOM   103 O "O4'" . DT  A 1 6 ? 3.279   3.416   11.429  1.00 31.06 ? 6  DT  A "O4'" 1 
ATOM   104 C "C3'" . DT  A 1 6 ? 3.257   2.996   13.851  1.00 32.08 ? 6  DT  A "C3'" 1 
ATOM   105 O "O3'" . DT  A 1 6 ? 2.250   2.273   14.637  1.00 34.99 ? 6  DT  A "O3'" 1 
ATOM   106 C "C2'" . DT  A 1 6 ? 4.220   1.994   13.194  1.00 31.20 ? 6  DT  A "C2'" 1 
ATOM   107 C "C1'" . DT  A 1 6 ? 3.857   2.103   11.633  1.00 29.16 ? 6  DT  A "C1'" 1 
ATOM   108 N N1    . DT  A 1 6 ? 5.043   1.999   10.778  1.00 24.63 ? 6  DT  A N1    1 
ATOM   109 C C2    . DT  A 1 6 ? 5.296   0.880   10.112  1.00 24.08 ? 6  DT  A C2    1 
ATOM   110 O O2    . DT  A 1 6 ? 4.584   -0.109  10.196  1.00 22.96 ? 6  DT  A O2    1 
ATOM   111 N N3    . DT  A 1 6 ? 6.448   0.897   9.329   1.00 22.65 ? 6  DT  A N3    1 
ATOM   112 C C4    . DT  A 1 6 ? 7.327   1.943   9.200   1.00 22.07 ? 6  DT  A C4    1 
ATOM   113 O O4    . DT  A 1 6 ? 8.309   1.905   8.471   1.00 22.98 ? 6  DT  A O4    1 
ATOM   114 C C5    . DT  A 1 6 ? 6.977   3.055   9.956   1.00 21.85 ? 6  DT  A C5    1 
ATOM   115 C C7    . DT  A 1 6 ? 7.915   4.303   10.029  1.00 21.58 ? 6  DT  A C7    1 
ATOM   116 C C6    . DT  A 1 6 ? 5.862   3.049   10.698  1.00 24.04 ? 6  DT  A C6    1 
ATOM   117 O "O5'" . DC  B 1 1 ? -15.499 2.072   -6.705  1.00 32.20 ? 11 DC  B "O5'" 1 
ATOM   118 C "C5'" . DC  B 1 1 ? -15.513 1.540   -8.095  1.00 28.66 ? 11 DC  B "C5'" 1 
ATOM   119 C "C4'" . DC  B 1 1 ? -14.672 0.194   -8.385  1.00 27.32 ? 11 DC  B "C4'" 1 
ATOM   120 O "O4'" . DC  B 1 1 ? -13.716 0.390   -9.514  1.00 26.48 ? 11 DC  B "O4'" 1 
ATOM   121 C "C3'" . DC  B 1 1 ? -13.821 -0.199  -7.173  1.00 27.42 ? 11 DC  B "C3'" 1 
ATOM   122 O "O3'" . DC  B 1 1 ? -13.535 -1.649  -7.179  1.00 29.85 ? 11 DC  B "O3'" 1 
ATOM   123 C "C2'" . DC  B 1 1 ? -12.539 0.613   -7.422  1.00 25.62 ? 11 DC  B "C2'" 1 
ATOM   124 C "C1'" . DC  B 1 1 ? -12.399 0.577   -8.996  1.00 23.33 ? 11 DC  B "C1'" 1 
ATOM   125 N N1    . DC  B 1 1 ? -11.809 1.868   -9.419  1.00 19.33 ? 11 DC  B N1    1 
ATOM   126 C C2    . DC  B 1 1 ? -10.675 1.868   -10.143 1.00 18.25 ? 11 DC  B C2    1 
ATOM   127 O O2    . DC  B 1 1 ? -10.131 0.847   -10.539 1.00 18.27 ? 11 DC  B O2    1 
ATOM   128 N N3    . DC  B 1 1 ? -10.128 3.005   -10.479 1.00 16.45 ? 11 DC  B N3    1 
ATOM   129 C C4    . DC  B 1 1 ? -10.654 4.128   -10.146 1.00 15.87 ? 11 DC  B C4    1 
ATOM   130 N N4    . DC  B 1 1 ? -10.013 5.193   -10.572 1.00 15.11 ? 11 DC  B N4    1 
ATOM   131 C C5    . DC  B 1 1 ? -11.846 4.230   -9.395  1.00 16.06 ? 11 DC  B C5    1 
ATOM   132 C C6    . DC  B 1 1 ? -12.398 3.056   -9.047  1.00 18.26 ? 11 DC  B C6    1 
ATOM   133 P P     . DC  B 1 2 ? -13.720 -2.493  -5.815  1.00 28.87 ? 12 DC  B P     1 
ATOM   134 O OP1   . DC  B 1 2 ? -13.893 -3.946  -5.973  1.00 30.36 ? 12 DC  B OP1   1 
ATOM   135 O OP2   . DC  B 1 2 ? -14.559 -1.724  -4.873  1.00 29.51 ? 12 DC  B OP2   1 
ATOM   136 O "O5'" . DC  B 1 2 ? -12.230 -2.329  -5.412  1.00 29.04 ? 12 DC  B "O5'" 1 
ATOM   137 C "C5'" . DC  B 1 2 ? -11.753 -2.215  -4.070  1.00 26.56 ? 12 DC  B "C5'" 1 
ATOM   138 C "C4'" . DC  B 1 2 ? -10.202 -2.139  -4.133  1.00 24.53 ? 12 DC  B "C4'" 1 
ATOM   139 O "O4'" . DC  B 1 2 ? -9.764  -0.897  -4.676  1.00 23.92 ? 12 DC  B "O4'" 1 
ATOM   140 C "C3'" . DC  B 1 2 ? -9.620  -2.268  -2.766  1.00 25.64 ? 12 DC  B "C3'" 1 
ATOM   141 O "O3'" . DC  B 1 2 ? -8.709  -3.383  -2.827  1.00 27.41 ? 12 DC  B "O3'" 1 
ATOM   142 C "C2'" . DC  B 1 2 ? -8.892  -0.917  -2.504  1.00 22.80 ? 12 DC  B "C2'" 1 
ATOM   143 C "C1'" . DC  B 1 2 ? -8.610  -0.544  -3.970  1.00 20.33 ? 12 DC  B "C1'" 1 
ATOM   144 N N1    . DC  B 1 2 ? -8.337  0.888   -4.141  1.00 15.05 ? 12 DC  B N1    1 
ATOM   145 C C2    . DC  B 1 2 ? -7.294  1.252   -4.904  1.00 15.18 ? 12 DC  B C2    1 
ATOM   146 O O2    . DC  B 1 2 ? -6.638  0.351   -5.451  1.00 13.43 ? 12 DC  B O2    1 
ATOM   147 N N3    . DC  B 1 2 ? -7.006  2.626   -5.020  1.00 14.12 ? 12 DC  B N3    1 
ATOM   148 C C4    . DC  B 1 2 ? -7.740  3.555   -4.390  1.00 13.73 ? 12 DC  B C4    1 
ATOM   149 N N4    . DC  B 1 2 ? -7.435  4.813   -4.492  1.00 13.18 ? 12 DC  B N4    1 
ATOM   150 C C5    . DC  B 1 2 ? -8.840  3.183   -3.592  1.00 14.64 ? 12 DC  B C5    1 
ATOM   151 C C6    . DC  B 1 2 ? -9.104  1.851   -3.499  1.00 16.41 ? 12 DC  B C6    1 
ATOM   152 P P     . DC  B 1 3 ? -8.477  -4.383  -1.648  1.00 28.84 ? 13 DC  B P     1 
ATOM   153 O OP1   . DC  B 1 3 ? -8.059  -5.692  -2.214  1.00 28.76 ? 13 DC  B OP1   1 
ATOM   154 O OP2   . DC  B 1 3 ? -9.705  -4.220  -0.802  1.00 29.39 ? 13 DC  B OP2   1 
ATOM   155 O "O5'" . DC  B 1 3 ? -7.257  -3.701  -0.989  1.00 26.18 ? 13 DC  B "O5'" 1 
ATOM   156 C "C5'" . DC  B 1 3 ? -6.575  -4.115  0.143   1.00 25.34 ? 13 DC  B "C5'" 1 
ATOM   157 C "C4'" . DC  B 1 3 ? -5.120  -3.751  -0.252  1.00 24.81 ? 13 DC  B "C4'" 1 
ATOM   158 O "O4'" . DC  B 1 3 ? -5.036  -2.350  -0.388  1.00 23.02 ? 13 DC  B "O4'" 1 
ATOM   159 C "C3'" . DC  B 1 3 ? -4.106  -4.180  0.832   1.00 24.70 ? 13 DC  B "C3'" 1 
ATOM   160 O "O3'" . DC  B 1 3 ? -3.163  -5.141  0.310   1.00 25.91 ? 13 DC  B "O3'" 1 
ATOM   161 C "C2'" . DC  B 1 3 ? -3.342  -2.895  1.205   1.00 22.74 ? 13 DC  B "C2'" 1 
ATOM   162 C "C1'" . DC  B 1 3 ? -3.697  -2.077  -0.030  1.00 20.96 ? 13 DC  B "C1'" 1 
ATOM   163 N N1    . DC  B 1 3 ? -3.679  -0.700  0.189   1.00 18.12 ? 13 DC  B N1    1 
ATOM   164 C C2    . DC  B 1 3 ? -2.736  0.024   -0.463  1.00 15.05 ? 13 DC  B C2    1 
ATOM   165 O O2    . DC  B 1 3 ? -1.890  -0.496  -1.183  1.00 18.23 ? 13 DC  B O2    1 
ATOM   166 N N3    . DC  B 1 3 ? -2.707  1.318   -0.311  1.00 15.49 ? 13 DC  B N3    1 
ATOM   167 C C4    . DC  B 1 3 ? -3.625  1.803   0.497   1.00 14.14 ? 13 DC  B C4    1 
ATOM   168 N N4    . DC  B 1 3 ? -3.647  3.077   0.663   1.00 14.77 ? 13 DC  B N4    1 
ATOM   169 C C5    . DC  B 1 3 ? -4.600  1.107   1.190   1.00 14.27 ? 13 DC  B C5    1 
ATOM   170 C C6    . DC  B 1 3 ? -4.598  -0.203  1.003   1.00 16.54 ? 13 DC  B C6    1 
ATOM   171 P P     . DA  B 1 4 ? -3.522  -6.659  0.154   1.00 26.82 ? 14 DA  B P     1 
ATOM   172 O OP1   . DA  B 1 4 ? -3.936  -6.860  -1.245  1.00 28.20 ? 14 DA  B OP1   1 
ATOM   173 O OP2   . DA  B 1 4 ? -4.394  -7.172  1.262   1.00 25.99 ? 14 DA  B OP2   1 
ATOM   174 O "O5'" . DA  B 1 4 ? -2.136  -7.378  0.241   1.00 26.92 ? 14 DA  B "O5'" 1 
ATOM   175 C "C5'" . DA  B 1 4 ? -1.273  -6.965  1.307   1.00 26.66 ? 14 DA  B "C5'" 1 
ATOM   176 C "C4'" . DA  B 1 4 ? 0.185   -7.314  0.931   1.00 25.83 ? 14 DA  B "C4'" 1 
ATOM   177 O "O4'" . DA  B 1 4 ? 1.070   -6.192  1.111   1.00 25.04 ? 14 DA  B "O4'" 1 
ATOM   178 C "C3'" . DA  B 1 4 ? 0.652   -8.361  1.798   1.00 26.38 ? 14 DA  B "C3'" 1 
ATOM   179 O "O3'" . DA  B 1 4 ? 1.721   -9.006  1.123   1.00 27.69 ? 14 DA  B "O3'" 1 
ATOM   180 C "C2'" . DA  B 1 4 ? 1.103   -7.571  3.008   1.00 24.94 ? 14 DA  B "C2'" 1 
ATOM   181 C "C1'" . DA  B 1 4 ? 1.702   -6.349  2.318   1.00 21.80 ? 14 DA  B "C1'" 1 
ATOM   182 N N9    . DA  B 1 4 ? 1.546   -4.956  2.757   1.00 20.24 ? 14 DA  B N9    1 
ATOM   183 C C8    . DA  B 1 4 ? 2.476   -3.926  2.672   1.00 16.37 ? 14 DA  B C8    1 
ATOM   184 N N7    . DA  B 1 4 ? 2.106   -2.843  3.296   1.00 16.06 ? 14 DA  B N7    1 
ATOM   185 C C5    . DA  B 1 4 ? 0.867   -3.164  3.814   1.00 15.63 ? 14 DA  B C5    1 
ATOM   186 C C6    . DA  B 1 4 ? -0.090  -2.461  4.531   1.00 13.93 ? 14 DA  B C6    1 
ATOM   187 N N6    . DA  B 1 4 ? 0.088   -1.251  4.928   1.00 15.68 ? 14 DA  B N6    1 
ATOM   188 N N1    . DA  B 1 4 ? -1.268  -3.009  4.856   1.00 15.18 ? 14 DA  B N1    1 
ATOM   189 C C2    . DA  B 1 4 ? -1.500  -4.258  4.465   1.00 15.10 ? 14 DA  B C2    1 
ATOM   190 N N3    . DA  B 1 4 ? -0.688  -5.056  3.783   1.00 17.61 ? 14 DA  B N3    1 
ATOM   191 C C4    . DA  B 1 4 ? 0.501   -4.427  3.491   1.00 16.54 ? 14 DA  B C4    1 
ATOM   192 P P     . DA  B 1 5 ? 2.583   -10.153 1.830   1.00 29.52 ? 15 DA  B P     1 
ATOM   193 O OP1   . DA  B 1 5 ? 2.959   -11.142 0.828   1.00 30.44 ? 15 DA  B OP1   1 
ATOM   194 O OP2   . DA  B 1 5 ? 1.959   -10.605 3.097   1.00 29.66 ? 15 DA  B OP2   1 
ATOM   195 O "O5'" . DA  B 1 5 ? 3.915   -9.382  2.148   1.00 29.76 ? 15 DA  B "O5'" 1 
ATOM   196 C "C5'" . DA  B 1 5 ? 4.850   -8.852  1.169   1.00 29.63 ? 15 DA  B "C5'" 1 
ATOM   197 C "C4'" . DA  B 1 5 ? 6.037   -8.046  1.834   1.00 28.47 ? 15 DA  B "C4'" 1 
ATOM   198 O "O4'" . DA  B 1 5 ? 5.561   -6.834  2.382   1.00 27.43 ? 15 DA  B "O4'" 1 
ATOM   199 C "C3'" . DA  B 1 5 ? 6.677   -8.820  3.026   1.00 29.63 ? 15 DA  B "C3'" 1 
ATOM   200 O "O3'" . DA  B 1 5 ? 8.096   -8.652  2.986   1.00 32.10 ? 15 DA  B "O3'" 1 
ATOM   201 C "C2'" . DA  B 1 5 ? 6.131   -8.096  4.256   1.00 27.65 ? 15 DA  B "C2'" 1 
ATOM   202 C "C1'" . DA  B 1 5 ? 6.121   -6.658  3.678   1.00 24.18 ? 15 DA  B "C1'" 1 
ATOM   203 N N9    . DA  B 1 5 ? 5.225   -5.831  4.464   1.00 19.64 ? 15 DA  B N9    1 
ATOM   204 C C8    . DA  B 1 5 ? 4.120   -6.151  5.237   1.00 18.46 ? 15 DA  B C8    1 
ATOM   205 N N7    . DA  B 1 5 ? 3.609   -5.078  5.823   1.00 16.93 ? 15 DA  B N7    1 
ATOM   206 C C5    . DA  B 1 5 ? 4.455   -4.004  5.382   1.00 15.03 ? 15 DA  B C5    1 
ATOM   207 C C6    . DA  B 1 5 ? 4.469   -2.614  5.596   1.00 13.31 ? 15 DA  B C6    1 
ATOM   208 N N6    . DA  B 1 5 ? 3.622   -1.941  6.357   1.00 13.82 ? 15 DA  B N6    1 
ATOM   209 N N1    . DA  B 1 5 ? 5.375   -1.869  5.026   1.00 13.33 ? 15 DA  B N1    1 
ATOM   210 C C2    . DA  B 1 5 ? 6.256   -2.509  4.251   1.00 15.32 ? 15 DA  B C2    1 
ATOM   211 N N3    . DA  B 1 5 ? 6.389   -3.804  3.942   1.00 15.96 ? 15 DA  B N3    1 
ATOM   212 C C4    . DA  B 1 5 ? 5.410   -4.494  4.575   1.00 17.16 ? 15 DA  B C4    1 
ATOM   213 P P     . DT  B 1 6 ? 9.161   -9.828  2.518   1.00 35.51 ? 16 DT  B P     1 
ATOM   214 O OP1   . DT  B 1 6 ? 9.592   -10.511 3.791   1.00 34.13 ? 16 DT  B OP1   1 
ATOM   215 O OP2   . DT  B 1 6 ? 10.147  -9.110  1.611   1.00 33.82 ? 16 DT  B OP2   1 
ATOM   216 O "O5'" . DT  B 1 6 ? 8.317   -10.971 1.657   1.00 34.84 ? 16 DT  B "O5'" 1 
ATOM   217 C "C5'" . DT  B 1 6 ? 8.475   -11.014 0.205   1.00 34.98 ? 16 DT  B "C5'" 1 
ATOM   218 C "C4'" . DT  B 1 6 ? 7.876   -12.243 -0.475  1.00 35.06 ? 16 DT  B "C4'" 1 
ATOM   219 O "O4'" . DT  B 1 6 ? 8.528   -13.406 -0.046  1.00 34.93 ? 16 DT  B "O4'" 1 
ATOM   220 C "C3'" . DT  B 1 6 ? 6.396   -12.392 -0.174  1.00 35.23 ? 16 DT  B "C3'" 1 
ATOM   221 O "O3'" . DT  B 1 6 ? 5.712   -12.629 -1.427  1.00 36.36 ? 16 DT  B "O3'" 1 
ATOM   222 C "C2'" . DT  B 1 6 ? 6.280   -13.620 0.756   1.00 34.78 ? 16 DT  B "C2'" 1 
ATOM   223 C "C1'" . DT  B 1 6 ? 7.568   -14.403 0.319   1.00 34.52 ? 16 DT  B "C1'" 1 
ATOM   224 N N1    . DT  B 1 6 ? 8.354   -15.122 1.333   1.00 34.04 ? 16 DT  B N1    1 
ATOM   225 C C2    . DT  B 1 6 ? 8.790   -16.389 1.120   1.00 34.44 ? 16 DT  B C2    1 
ATOM   226 O O2    . DT  B 1 6 ? 8.538   -17.017 0.119   1.00 34.36 ? 16 DT  B O2    1 
ATOM   227 N N3    . DT  B 1 6 ? 9.540   -16.961 2.096   1.00 35.22 ? 16 DT  B N3    1 
ATOM   228 C C4    . DT  B 1 6 ? 9.906   -16.363 3.302   1.00 35.19 ? 16 DT  B C4    1 
ATOM   229 O O4    . DT  B 1 6 ? 10.605  -16.936 4.156   1.00 35.75 ? 16 DT  B O4    1 
ATOM   230 C C5    . DT  B 1 6 ? 9.400   -15.036 3.438   1.00 34.54 ? 16 DT  B C5    1 
ATOM   231 C C7    . DT  B 1 6 ? 9.725   -14.222 4.706   1.00 35.04 ? 16 DT  B C7    1 
ATOM   232 C C6    . DT  B 1 6 ? 8.667   -14.474 2.492   1.00 35.40 ? 16 DT  B C6    1 
HETATM 233 O O     . HOH C 2 . ? 2.010   2.389   17.501  1.00 35.15 ? 18 HOH A O     1 
HETATM 234 O O     . HOH C 2 . ? 7.909   7.483   4.136   1.00 50.63 ? 20 HOH A O     1 
HETATM 235 O O     . HOH C 2 . ? 11.850  7.105   12.221  1.00 50.89 ? 22 HOH A O     1 
HETATM 236 O O     . HOH C 2 . ? 6.144   4.432   -7.667  1.00 45.14 ? 26 HOH A O     1 
HETATM 237 O O     . HOH C 2 . ? 3.732   10.788  12.917  1.00 39.98 ? 27 HOH A O     1 
HETATM 238 O O     . HOH C 2 . ? 2.077   6.040   -15.115 1.00 40.56 ? 29 HOH A O     1 
HETATM 239 O O     . HOH C 2 . ? -0.276  0.602   14.282  1.00 52.34 ? 32 HOH A O     1 
HETATM 240 O O     . HOH C 2 . ? 5.941   0.023   1.184   1.00 29.77 ? 35 HOH A O     1 
HETATM 241 O O     . HOH C 2 . ? 8.685   5.936   -5.474  1.00 47.77 ? 36 HOH A O     1 
HETATM 242 O O     . HOH C 2 . ? 1.052   9.953   -8.159  1.00 43.30 ? 40 HOH A O     1 
HETATM 243 O O     . HOH C 2 . ? 10.119  3.716   7.128   1.00 39.08 ? 42 HOH A O     1 
HETATM 244 O O     . HOH C 2 . ? 6.363   10.466  1.564   1.00 33.04 ? 43 HOH A O     1 
HETATM 245 O O     . HOH C 2 . ? 3.118   2.544   -7.927  1.00 47.45 ? 44 HOH A O     1 
HETATM 246 O O     . HOH C 2 . ? 8.000   8.831   11.254  1.00 43.02 ? 45 HOH A O     1 
HETATM 247 O O     . HOH C 2 . ? 5.166   8.842   -5.050  1.00 33.56 ? 46 HOH A O     1 
HETATM 248 O O     . HOH C 2 . ? -4.753  3.121   -17.649 1.00 27.60 ? 47 HOH A O     1 
HETATM 249 O O     . HOH C 2 . ? 0.594   4.833   6.167   1.00 32.18 ? 48 HOH A O     1 
HETATM 250 O O     . HOH C 2 . ? 3.036   13.195  4.947   1.00 33.92 ? 49 HOH A O     1 
HETATM 251 O O     . HOH C 2 . ? -7.892  -2.504  -12.711 1.00 39.81 ? 50 HOH A O     1 
HETATM 252 O O     . HOH C 2 . ? -2.006  -0.650  -8.746  1.00 36.69 ? 51 HOH A O     1 
HETATM 253 O O     . HOH C 2 . ? 1.825   -0.927  -4.204  1.00 27.59 ? 52 HOH A O     1 
HETATM 254 O O     . HOH C 2 . ? 0.948   3.173   9.453   1.00 36.97 ? 54 HOH A O     1 
HETATM 255 O O     . HOH C 2 . ? 2.333   2.784   20.204  1.00 49.66 ? 55 HOH A O     1 
HETATM 256 O O     . HOH C 2 . ? 8.086   10.142  -1.973  1.00 46.24 ? 59 HOH A O     1 
HETATM 257 O O     . HOH C 2 . ? 8.229   3.397   4.392   1.00 42.87 ? 60 HOH A O     1 
HETATM 258 O O     . HOH C 2 . ? 10.456  8.696   13.474  1.00 53.25 ? 62 HOH A O     1 
HETATM 259 O O     . HOH C 2 . ? 0.169   6.542   19.092  1.00 50.08 ? 66 HOH A O     1 
HETATM 260 O O     . HOH C 2 . ? 7.441   6.135   -2.308  1.00 38.19 ? 67 HOH A O     1 
HETATM 261 O O     . HOH C 2 . ? 4.518   14.112  7.916   1.00 44.51 ? 68 HOH A O     1 
HETATM 262 O O     . HOH C 2 . ? 1.803   5.550   17.221  1.00 46.89 ? 70 HOH A O     1 
HETATM 263 O O     . HOH C 2 . ? 0.576   11.897  4.167   1.00 49.99 ? 71 HOH A O     1 
HETATM 264 O O     . HOH C 2 . ? 3.065   6.097   -10.057 1.00 40.76 ? 72 HOH A O     1 
HETATM 265 O O     . HOH C 2 . ? 9.976   8.874   -4.115  1.00 50.76 ? 73 HOH A O     1 
HETATM 266 O O     . HOH D 2 . ? 1.627   -11.472 -2.463  1.00 47.74 ? 17 HOH B O     1 
HETATM 267 O O     . HOH D 2 . ? 8.943   -3.936  1.963   1.00 48.65 ? 19 HOH B O     1 
HETATM 268 O O     . HOH D 2 . ? 8.955   -11.761 6.716   1.00 42.33 ? 21 HOH B O     1 
HETATM 269 O O     . HOH D 2 . ? -0.182  -16.033 -3.565  0.50 18.12 ? 23 HOH B O     1 
HETATM 270 O O     . HOH D 2 . ? -8.847  -7.039  2.121   1.00 47.02 ? 24 HOH B O     1 
HETATM 271 O O     . HOH D 2 . ? -8.552  -10.038 1.926   1.00 49.33 ? 25 HOH B O     1 
HETATM 272 O O     . HOH D 2 . ? -12.417 -5.451  -2.513  1.00 36.19 ? 28 HOH B O     1 
HETATM 273 O O     . HOH D 2 . ? -13.618 -6.541  -7.800  1.00 48.30 ? 30 HOH B O     1 
HETATM 274 O O     . HOH D 2 . ? -11.734 -9.379  -7.264  1.00 45.00 ? 31 HOH B O     1 
HETATM 275 O O     . HOH D 2 . ? 4.552   -16.477 1.834   1.00 43.06 ? 33 HOH B O     1 
HETATM 276 O O     . HOH D 2 . ? 6.304   -19.192 -0.582  1.00 36.92 ? 34 HOH B O     1 
HETATM 277 O O     . HOH D 2 . ? 2.808   -14.134 2.009   1.00 38.19 ? 37 HOH B O     1 
HETATM 278 O O     . HOH D 2 . ? -2.446  -8.684  -3.447  1.00 53.22 ? 38 HOH B O     1 
HETATM 279 O O     . HOH D 2 . ? 6.290   -7.995  -1.588  1.00 49.39 ? 39 HOH B O     1 
HETATM 280 O O     . HOH D 2 . ? 9.318   -13.892 9.193   1.00 49.33 ? 41 HOH B O     1 
HETATM 281 O O     . HOH D 2 . ? -5.688  4.785   2.465   1.00 25.25 ? 53 HOH B O     1 
HETATM 282 O O     . HOH D 2 . ? -4.753  -10.049 -0.566  1.00 39.93 ? 56 HOH B O     1 
HETATM 283 O O     . HOH D 2 . ? -13.269 -8.586  -4.161  1.00 42.11 ? 57 HOH B O     1 
HETATM 284 O O     . HOH D 2 . ? -9.418  -9.451  -0.441  1.00 49.81 ? 58 HOH B O     1 
HETATM 285 O O     . HOH D 2 . ? -6.534  -6.780  3.026   1.00 46.00 ? 61 HOH B O     1 
HETATM 286 O O     . HOH D 2 . ? 10.438  -5.842  2.947   0.50 54.18 ? 63 HOH B O     1 
HETATM 287 O O     . HOH D 2 . ? -17.569 1.624   -4.547  1.00 43.34 ? 64 HOH B O     1 
HETATM 288 O O     . HOH D 2 . ? -17.420 -2.229  -4.798  1.00 51.19 ? 65 HOH B O     1 
HETATM 289 O O     . HOH D 2 . ? -6.402  7.003   1.570   1.00 41.83 ? 69 HOH B O     1 
# 
